data_7AGU
#
_entry.id   7AGU
#
_cell.length_a   148.15
_cell.length_b   157.975
_cell.length_c   116.299
_cell.angle_alpha   90
_cell.angle_beta   90
_cell.angle_gamma   90
#
_symmetry.space_group_name_H-M   'C 2 2 21'
#
loop_
_entity.id
_entity.type
_entity.pdbx_description
1 polymer 'Mycocerosic acid synthase'
2 non-polymer 'METHYLMALONIC ACID'
3 non-polymer 1,2-ETHANEDIOL
4 water water
#
_entity_poly.entity_id   1
_entity_poly.type   'polypeptide(L)'
_entity_poly.pdbx_seq_one_letter_code
;MGSSHHHHHHSSPRLFMLSSTSSDALRQTARQLATWVEEHQDCVAASDLAYTLARGRAHRPVRTAVVAANLPELVEGLRE
VADGDALYDAAVGHGDRGPVWVFSGQGSQWAAMGTQLLASEPVFAATIAKLEPVIAAESGFSVTEAITAQQTVTGIDKVQ
PAVFAVQVALAATMEQTYGVRPGAVVGHSMGESAAAVVAGALSLEDAARVICRRSKLMTRIAGAGAMGSVELPAKQVNSE
LMARGIDDVVVSVVASPQSTVIGGTSDTVRDLIARWEQRDVMAREVAVDVAFHSPQVDPILDDLAAALADIAPMTPKVPY
YSATLFDPREQPVCDGAYWVDNLRNTVQFAAAVQAAMEDGYRVFAELSPHPLLTHAVEQTGRSLDMSVAALAGMRREQPL
PHGLRGLLTELHRAGAALDYSALYPAGRLVDAPLPAWGS
;
_entity_poly.pdbx_strand_id   A,B
#
# COMPACT_ATOMS: atom_id res chain seq x y z
N SER A 11 -12.60 8.10 -20.21
CA SER A 11 -13.27 9.11 -21.06
C SER A 11 -14.78 9.32 -20.72
N SER A 12 -15.45 8.27 -20.16
CA SER A 12 -16.88 8.29 -19.82
C SER A 12 -17.15 9.08 -18.51
N PRO A 13 -18.40 9.57 -18.24
CA PRO A 13 -18.64 10.30 -16.99
C PRO A 13 -18.58 9.38 -15.75
N ARG A 14 -17.87 9.85 -14.70
CA ARG A 14 -17.64 9.12 -13.46
C ARG A 14 -18.25 9.82 -12.26
N LEU A 15 -18.54 9.02 -11.25
CA LEU A 15 -19.16 9.50 -10.04
C LEU A 15 -18.05 9.70 -8.98
N PHE A 16 -17.85 10.98 -8.54
CA PHE A 16 -16.83 11.27 -7.54
C PHE A 16 -17.51 11.50 -6.18
N MET A 17 -17.32 10.59 -5.22
CA MET A 17 -17.95 10.74 -3.93
C MET A 17 -17.21 11.63 -2.96
N LEU A 18 -17.98 12.50 -2.34
CA LEU A 18 -17.53 13.51 -1.41
C LEU A 18 -18.38 13.43 -0.17
N SER A 19 -17.76 13.54 1.00
CA SER A 19 -18.50 13.47 2.25
C SER A 19 -17.80 14.21 3.36
N SER A 20 -18.61 14.68 4.31
CA SER A 20 -18.12 15.41 5.45
C SER A 20 -19.07 15.32 6.66
N THR A 21 -18.87 16.14 7.67
CA THR A 21 -19.65 16.11 8.89
C THR A 21 -20.79 17.12 8.90
N SER A 22 -20.70 18.19 8.10
CA SER A 22 -21.75 19.22 7.99
C SER A 22 -21.84 19.78 6.55
N SER A 23 -22.91 20.54 6.24
CA SER A 23 -23.06 21.12 4.89
C SER A 23 -21.91 22.09 4.60
N ASP A 24 -21.52 22.89 5.60
CA ASP A 24 -20.42 23.85 5.44
C ASP A 24 -19.05 23.17 5.34
N ALA A 25 -18.84 22.11 6.13
CA ALA A 25 -17.59 21.36 6.05
C ALA A 25 -17.50 20.57 4.74
N LEU A 26 -18.65 20.15 4.17
CA LEU A 26 -18.66 19.44 2.89
C LEU A 26 -18.25 20.43 1.78
N ARG A 27 -18.65 21.71 1.90
CA ARG A 27 -18.25 22.72 0.93
C ARG A 27 -16.76 23.03 1.04
N GLN A 28 -16.21 23.02 2.26
CA GLN A 28 -14.79 23.23 2.51
C GLN A 28 -13.97 22.09 1.90
N THR A 29 -14.49 20.84 2.01
CA THR A 29 -13.90 19.63 1.46
C THR A 29 -13.88 19.74 -0.06
N ALA A 30 -15.01 20.15 -0.66
CA ALA A 30 -15.16 20.33 -2.10
C ALA A 30 -14.17 21.35 -2.62
N ARG A 31 -13.96 22.46 -1.88
CA ARG A 31 -13.06 23.51 -2.28
C ARG A 31 -11.60 23.05 -2.24
N GLN A 32 -11.20 22.34 -1.17
CA GLN A 32 -9.82 21.83 -1.07
C GLN A 32 -9.58 20.80 -2.19
N LEU A 33 -10.57 19.93 -2.46
CA LEU A 33 -10.42 18.93 -3.50
C LEU A 33 -10.29 19.59 -4.87
N ALA A 34 -11.10 20.63 -5.18
CA ALA A 34 -11.04 21.34 -6.46
C ALA A 34 -9.69 21.99 -6.69
N THR A 35 -9.13 22.61 -5.66
CA THR A 35 -7.83 23.25 -5.74
C THR A 35 -6.75 22.18 -6.01
N TRP A 36 -6.82 21.01 -5.33
CA TRP A 36 -5.86 19.92 -5.51
C TRP A 36 -5.96 19.32 -6.90
N VAL A 37 -7.17 19.01 -7.35
CA VAL A 37 -7.43 18.43 -8.66
C VAL A 37 -6.95 19.38 -9.75
N GLU A 38 -7.18 20.67 -9.56
CA GLU A 38 -6.74 21.66 -10.52
C GLU A 38 -5.22 21.69 -10.66
N GLU A 39 -4.49 21.54 -9.56
CA GLU A 39 -3.04 21.55 -9.61
C GLU A 39 -2.43 20.25 -10.14
N HIS A 40 -3.08 19.11 -9.86
CA HIS A 40 -2.52 17.81 -10.27
C HIS A 40 -3.26 17.14 -11.40
N GLN A 41 -4.08 17.87 -12.16
CA GLN A 41 -4.88 17.26 -13.23
C GLN A 41 -4.07 16.57 -14.30
N ASP A 42 -2.87 17.06 -14.55
CA ASP A 42 -1.99 16.45 -15.53
C ASP A 42 -1.33 15.15 -15.02
N CYS A 43 -1.42 14.85 -13.71
CA CYS A 43 -0.76 13.69 -13.12
C CYS A 43 -1.73 12.59 -12.80
N VAL A 44 -2.90 12.97 -12.32
CA VAL A 44 -3.91 12.05 -11.84
C VAL A 44 -4.87 11.61 -12.90
N ALA A 45 -5.10 10.29 -12.95
CA ALA A 45 -6.08 9.71 -13.86
C ALA A 45 -7.42 9.85 -13.19
N ALA A 46 -8.46 10.22 -13.94
CA ALA A 46 -9.78 10.40 -13.36
C ALA A 46 -10.31 9.12 -12.71
N SER A 47 -9.95 7.97 -13.30
CA SER A 47 -10.41 6.69 -12.77
C SER A 47 -9.84 6.39 -11.39
N ASP A 48 -8.56 6.73 -11.20
CA ASP A 48 -7.82 6.52 -9.96
C ASP A 48 -8.42 7.41 -8.86
N LEU A 49 -8.71 8.65 -9.19
CA LEU A 49 -9.28 9.57 -8.22
C LEU A 49 -10.69 9.14 -7.82
N ALA A 50 -11.54 8.69 -8.78
CA ALA A 50 -12.90 8.26 -8.46
C ALA A 50 -12.92 7.04 -7.55
N TYR A 51 -11.97 6.11 -7.79
CA TYR A 51 -11.72 4.87 -7.05
C TYR A 51 -11.30 5.23 -5.63
N THR A 52 -10.34 6.17 -5.50
CA THR A 52 -9.77 6.62 -4.22
C THR A 52 -10.84 7.26 -3.36
N LEU A 53 -11.68 8.10 -3.95
CA LEU A 53 -12.73 8.79 -3.22
C LEU A 53 -13.81 7.85 -2.73
N ALA A 54 -14.04 6.74 -3.45
CA ALA A 54 -15.09 5.80 -3.11
C ALA A 54 -14.65 4.63 -2.25
N ARG A 55 -13.43 4.16 -2.49
CA ARG A 55 -12.91 3.00 -1.79
C ARG A 55 -11.71 3.29 -0.87
N GLY A 56 -11.09 4.44 -0.99
CA GLY A 56 -9.98 4.82 -0.12
C GLY A 56 -10.35 5.82 0.96
N ARG A 57 -11.64 6.17 1.06
CA ARG A 57 -12.11 7.13 2.06
C ARG A 57 -13.24 6.55 2.85
N ALA A 58 -13.26 6.84 4.15
CA ALA A 58 -14.36 6.34 4.96
C ALA A 58 -15.48 7.34 4.75
N HIS A 59 -16.67 6.86 4.31
CA HIS A 59 -17.74 7.77 3.98
C HIS A 59 -18.36 8.36 5.22
N ARG A 60 -18.27 9.69 5.36
CA ARG A 60 -18.77 10.44 6.51
C ARG A 60 -20.30 10.68 6.39
N PRO A 61 -21.01 11.16 7.45
CA PRO A 61 -22.48 11.24 7.39
C PRO A 61 -23.09 12.16 6.32
N VAL A 62 -22.52 13.36 6.09
CA VAL A 62 -23.08 14.27 5.11
C VAL A 62 -22.48 14.02 3.74
N ARG A 63 -23.21 13.29 2.85
CA ARG A 63 -22.68 12.87 1.53
C ARG A 63 -23.26 13.55 0.32
N THR A 64 -22.45 13.67 -0.72
CA THR A 64 -22.77 14.14 -2.07
C THR A 64 -21.81 13.42 -3.07
N ALA A 65 -22.07 13.59 -4.37
CA ALA A 65 -21.28 13.02 -5.44
C ALA A 65 -21.38 13.95 -6.62
N VAL A 66 -20.30 14.10 -7.35
CA VAL A 66 -20.23 14.98 -8.49
C VAL A 66 -20.00 14.11 -9.71
N VAL A 67 -20.80 14.28 -10.77
CA VAL A 67 -20.58 13.53 -12.00
C VAL A 67 -19.69 14.37 -12.94
N ALA A 68 -18.65 13.77 -13.54
CA ALA A 68 -17.76 14.48 -14.45
C ALA A 68 -17.03 13.50 -15.37
N ALA A 69 -16.81 13.87 -16.66
CA ALA A 69 -16.09 13.01 -17.62
C ALA A 69 -14.59 13.25 -17.62
N ASN A 70 -14.18 14.47 -17.21
CA ASN A 70 -12.77 14.84 -17.13
C ASN A 70 -12.47 15.62 -15.85
N LEU A 71 -11.17 15.72 -15.51
CA LEU A 71 -10.79 16.42 -14.31
C LEU A 71 -11.18 17.93 -14.33
N PRO A 72 -11.02 18.68 -15.44
CA PRO A 72 -11.48 20.08 -15.43
C PRO A 72 -12.99 20.21 -15.18
N GLU A 73 -13.78 19.24 -15.66
CA GLU A 73 -15.22 19.21 -15.45
C GLU A 73 -15.54 19.01 -13.96
N LEU A 74 -14.76 18.14 -13.28
CA LEU A 74 -14.90 17.89 -11.85
C LEU A 74 -14.55 19.13 -11.04
N VAL A 75 -13.55 19.93 -11.46
CA VAL A 75 -13.20 21.16 -10.75
C VAL A 75 -14.36 22.16 -10.81
N GLU A 76 -15.10 22.20 -11.93
CA GLU A 76 -16.25 23.07 -12.07
C GLU A 76 -17.37 22.58 -11.15
N GLY A 77 -17.64 21.28 -11.17
CA GLY A 77 -18.69 20.69 -10.35
C GLY A 77 -18.44 20.82 -8.87
N LEU A 78 -17.16 20.67 -8.46
CA LEU A 78 -16.74 20.75 -7.07
C LEU A 78 -16.84 22.19 -6.57
N ARG A 79 -16.38 23.15 -7.41
CA ARG A 79 -16.46 24.57 -7.07
C ARG A 79 -17.89 25.07 -7.01
N GLU A 80 -18.79 24.47 -7.80
CA GLU A 80 -20.21 24.77 -7.80
C GLU A 80 -20.80 24.39 -6.42
N VAL A 81 -20.40 23.21 -5.90
CA VAL A 81 -20.81 22.72 -4.60
C VAL A 81 -20.30 23.68 -3.52
N ALA A 82 -18.99 23.97 -3.58
CA ALA A 82 -18.25 24.82 -2.64
C ALA A 82 -18.77 26.24 -2.56
N ASP A 83 -19.33 26.74 -3.67
CA ASP A 83 -19.84 28.11 -3.68
C ASP A 83 -21.33 28.18 -3.30
N GLY A 84 -22.09 27.11 -3.55
CA GLY A 84 -23.51 27.01 -3.26
C GLY A 84 -23.96 27.29 -1.84
N ASP A 85 -25.28 27.15 -1.62
CA ASP A 85 -25.97 27.36 -0.34
C ASP A 85 -26.97 26.22 -0.12
N ALA A 86 -26.59 25.00 -0.54
CA ALA A 86 -27.45 23.82 -0.46
C ALA A 86 -27.39 23.17 0.91
N LEU A 87 -28.48 22.51 1.26
CA LEU A 87 -28.57 21.79 2.51
C LEU A 87 -28.42 20.32 2.17
N TYR A 88 -27.32 19.72 2.65
CA TYR A 88 -27.07 18.31 2.39
C TYR A 88 -27.53 17.49 3.57
N ASP A 89 -28.60 16.71 3.37
CA ASP A 89 -29.12 15.90 4.44
C ASP A 89 -28.09 14.79 4.77
N ALA A 90 -28.06 14.38 6.05
CA ALA A 90 -27.13 13.37 6.51
C ALA A 90 -27.69 11.97 6.28
N ALA A 91 -26.84 10.96 6.13
CA ALA A 91 -27.27 9.60 5.95
C ALA A 91 -28.08 9.12 7.17
N VAL A 92 -29.17 8.37 6.92
CA VAL A 92 -30.02 7.77 7.95
C VAL A 92 -29.55 6.35 8.31
N GLY A 93 -28.86 5.68 7.40
CA GLY A 93 -28.30 4.36 7.64
C GLY A 93 -26.82 4.45 7.96
N HIS A 94 -26.23 3.46 8.63
CA HIS A 94 -24.79 3.51 8.99
C HIS A 94 -23.90 2.60 8.11
N GLY A 95 -24.34 2.29 6.90
CA GLY A 95 -23.62 1.40 5.99
C GLY A 95 -23.49 -0.04 6.50
N ASP A 96 -24.29 -0.42 7.51
CA ASP A 96 -24.26 -1.76 8.08
C ASP A 96 -25.36 -2.65 7.52
N ARG A 97 -26.54 -2.07 7.18
CA ARG A 97 -27.68 -2.80 6.61
C ARG A 97 -27.94 -2.35 5.20
N GLY A 98 -28.28 -3.29 4.36
CA GLY A 98 -28.66 -2.99 2.99
C GLY A 98 -30.02 -2.31 2.97
N PRO A 99 -30.44 -1.87 1.79
CA PRO A 99 -31.73 -1.23 1.68
C PRO A 99 -32.89 -2.22 1.81
N VAL A 100 -34.08 -1.75 2.14
CA VAL A 100 -35.26 -2.59 2.17
C VAL A 100 -35.94 -2.29 0.86
N TRP A 101 -36.00 -3.27 -0.06
CA TRP A 101 -36.68 -3.02 -1.31
C TRP A 101 -38.19 -3.12 -1.05
N VAL A 102 -38.94 -2.10 -1.50
CA VAL A 102 -40.39 -2.04 -1.40
C VAL A 102 -40.97 -2.30 -2.79
N PHE A 103 -41.82 -3.32 -2.90
CA PHE A 103 -42.47 -3.70 -4.15
C PHE A 103 -43.96 -3.39 -4.01
N SER A 104 -44.42 -2.31 -4.61
CA SER A 104 -45.80 -1.85 -4.56
C SER A 104 -46.76 -2.70 -5.47
N GLY A 105 -48.08 -2.43 -5.45
CA GLY A 105 -49.06 -3.14 -6.28
C GLY A 105 -49.23 -2.59 -7.69
N GLN A 106 -50.45 -2.69 -8.24
CA GLN A 106 -50.81 -2.15 -9.57
C GLN A 106 -50.89 -0.63 -9.53
N GLY A 107 -50.91 0.01 -10.70
CA GLY A 107 -51.14 1.44 -10.78
C GLY A 107 -49.93 2.29 -11.06
N SER A 108 -48.73 1.72 -10.92
CA SER A 108 -47.47 2.40 -11.17
C SER A 108 -47.11 2.48 -12.66
N GLN A 109 -47.73 1.63 -13.49
CA GLN A 109 -47.46 1.55 -14.93
C GLN A 109 -47.64 2.86 -15.68
N TRP A 110 -46.82 3.06 -16.73
CA TRP A 110 -46.83 4.22 -17.62
C TRP A 110 -46.27 3.85 -19.02
N ALA A 111 -46.66 4.63 -20.04
CA ALA A 111 -46.28 4.31 -21.42
C ALA A 111 -44.77 4.32 -21.67
N ALA A 112 -44.28 3.18 -22.22
CA ALA A 112 -42.89 2.92 -22.54
C ALA A 112 -42.00 3.02 -21.32
N MET A 113 -42.52 2.58 -20.18
CA MET A 113 -41.81 2.60 -18.91
C MET A 113 -40.48 1.82 -18.94
N GLY A 114 -40.38 0.83 -19.82
CA GLY A 114 -39.18 0.01 -19.91
C GLY A 114 -38.15 0.40 -20.94
N THR A 115 -38.48 1.32 -21.86
CA THR A 115 -37.61 1.68 -22.99
C THR A 115 -36.20 2.16 -22.62
N GLN A 116 -36.06 3.17 -21.75
CA GLN A 116 -34.72 3.66 -21.41
C GLN A 116 -33.89 2.69 -20.65
N LEU A 117 -34.51 1.89 -19.75
CA LEU A 117 -33.75 0.92 -18.96
C LEU A 117 -33.34 -0.28 -19.78
N LEU A 118 -34.15 -0.66 -20.79
CA LEU A 118 -33.78 -1.73 -21.72
C LEU A 118 -32.52 -1.31 -22.53
N ALA A 119 -32.38 -0.01 -22.81
CA ALA A 119 -31.24 0.48 -23.52
C ALA A 119 -30.01 0.73 -22.62
N SER A 120 -30.22 1.34 -21.44
CA SER A 120 -29.11 1.74 -20.60
C SER A 120 -28.62 0.68 -19.61
N GLU A 121 -29.47 -0.31 -19.30
CA GLU A 121 -29.10 -1.37 -18.37
C GLU A 121 -29.16 -2.76 -18.97
N PRO A 122 -27.99 -3.35 -19.19
CA PRO A 122 -27.95 -4.69 -19.79
C PRO A 122 -28.56 -5.76 -18.89
N VAL A 123 -28.41 -5.62 -17.55
CA VAL A 123 -29.01 -6.60 -16.65
C VAL A 123 -30.56 -6.47 -16.62
N PHE A 124 -31.09 -5.25 -16.85
CA PHE A 124 -32.52 -5.04 -16.93
C PHE A 124 -33.02 -5.77 -18.19
N ALA A 125 -32.32 -5.58 -19.32
CA ALA A 125 -32.64 -6.19 -20.59
C ALA A 125 -32.59 -7.70 -20.52
N ALA A 126 -31.53 -8.27 -19.85
CA ALA A 126 -31.35 -9.72 -19.68
C ALA A 126 -32.49 -10.34 -18.85
N THR A 127 -32.92 -9.64 -17.79
CA THR A 127 -33.99 -10.13 -16.93
C THR A 127 -35.30 -10.12 -17.68
N ILE A 128 -35.62 -9.02 -18.39
CA ILE A 128 -36.84 -8.95 -19.19
C ILE A 128 -36.83 -10.05 -20.27
N ALA A 129 -35.64 -10.34 -20.86
CA ALA A 129 -35.48 -11.39 -21.88
C ALA A 129 -35.85 -12.79 -21.35
N LYS A 130 -35.46 -13.09 -20.10
CA LYS A 130 -35.77 -14.34 -19.41
C LYS A 130 -37.28 -14.47 -19.24
N LEU A 131 -37.94 -13.39 -18.78
CA LEU A 131 -39.36 -13.37 -18.53
C LEU A 131 -40.19 -13.42 -19.79
N GLU A 132 -39.69 -12.86 -20.88
CA GLU A 132 -40.42 -12.79 -22.15
C GLU A 132 -41.15 -14.12 -22.56
N PRO A 133 -40.45 -15.28 -22.71
CA PRO A 133 -41.14 -16.51 -23.13
C PRO A 133 -42.07 -17.09 -22.08
N VAL A 134 -41.84 -16.79 -20.79
CA VAL A 134 -42.66 -17.28 -19.70
C VAL A 134 -43.99 -16.58 -19.71
N ILE A 135 -43.97 -15.24 -19.77
CA ILE A 135 -45.19 -14.44 -19.83
C ILE A 135 -45.91 -14.68 -21.16
N ALA A 136 -45.16 -14.93 -22.26
CA ALA A 136 -45.78 -15.24 -23.55
C ALA A 136 -46.59 -16.54 -23.44
N ALA A 137 -46.01 -17.61 -22.84
CA ALA A 137 -46.68 -18.89 -22.67
C ALA A 137 -47.85 -18.80 -21.68
N GLU A 138 -47.67 -18.08 -20.58
CA GLU A 138 -48.71 -17.97 -19.55
C GLU A 138 -49.88 -17.03 -19.89
N SER A 139 -49.58 -15.79 -20.31
CA SER A 139 -50.58 -14.75 -20.56
C SER A 139 -50.86 -14.42 -22.04
N GLY A 140 -50.03 -14.94 -22.93
CA GLY A 140 -50.23 -14.76 -24.37
C GLY A 140 -49.89 -13.39 -24.93
N PHE A 141 -48.84 -12.76 -24.39
CA PHE A 141 -48.44 -11.44 -24.88
C PHE A 141 -46.95 -11.19 -24.66
N SER A 142 -46.42 -10.21 -25.41
CA SER A 142 -45.03 -9.85 -25.29
C SER A 142 -44.91 -8.83 -24.22
N VAL A 143 -44.20 -9.15 -23.12
CA VAL A 143 -43.96 -8.20 -22.05
C VAL A 143 -43.03 -7.08 -22.54
N THR A 144 -42.09 -7.37 -23.49
CA THR A 144 -41.17 -6.36 -24.04
C THR A 144 -41.94 -5.36 -24.90
N GLU A 145 -42.90 -5.85 -25.70
CA GLU A 145 -43.73 -5.00 -26.53
C GLU A 145 -44.61 -4.13 -25.61
N ALA A 146 -45.19 -4.72 -24.55
CA ALA A 146 -46.02 -4.02 -23.59
C ALA A 146 -45.31 -2.88 -22.85
N ILE A 147 -44.07 -3.10 -22.37
CA ILE A 147 -43.32 -2.09 -21.62
C ILE A 147 -42.60 -1.07 -22.49
N THR A 148 -42.65 -1.21 -23.83
CA THR A 148 -42.04 -0.25 -24.76
C THR A 148 -43.07 0.41 -25.70
N ALA A 149 -44.36 -0.03 -25.65
CA ALA A 149 -45.45 0.52 -26.48
C ALA A 149 -45.69 1.98 -26.15
N GLN A 150 -46.18 2.73 -27.16
CA GLN A 150 -46.45 4.16 -26.98
C GLN A 150 -47.74 4.43 -26.12
N GLN A 151 -48.54 3.38 -25.81
CA GLN A 151 -49.73 3.44 -24.95
C GLN A 151 -49.43 2.63 -23.67
N THR A 152 -49.87 3.12 -22.50
CA THR A 152 -49.64 2.40 -21.25
C THR A 152 -50.35 1.03 -21.25
N VAL A 153 -49.72 0.00 -20.63
CA VAL A 153 -50.30 -1.35 -20.52
C VAL A 153 -51.67 -1.26 -19.79
N THR A 154 -52.68 -1.99 -20.28
CA THR A 154 -54.04 -1.75 -19.79
C THR A 154 -54.86 -2.87 -19.01
N GLY A 155 -55.06 -4.08 -19.53
CA GLY A 155 -55.90 -5.07 -18.83
C GLY A 155 -55.23 -5.68 -17.61
N ILE A 156 -55.98 -6.12 -16.55
CA ILE A 156 -55.34 -6.69 -15.34
C ILE A 156 -54.37 -7.86 -15.66
N ASP A 157 -54.72 -8.67 -16.66
CA ASP A 157 -53.90 -9.80 -17.11
C ASP A 157 -52.59 -9.37 -17.81
N LYS A 158 -52.48 -8.10 -18.22
CA LYS A 158 -51.27 -7.56 -18.84
C LYS A 158 -50.54 -6.64 -17.88
N VAL A 159 -51.28 -5.83 -17.12
CA VAL A 159 -50.69 -4.92 -16.15
C VAL A 159 -49.84 -5.63 -15.11
N GLN A 160 -50.40 -6.63 -14.41
CA GLN A 160 -49.67 -7.34 -13.35
C GLN A 160 -48.35 -7.99 -13.87
N PRO A 161 -48.34 -8.76 -14.96
CA PRO A 161 -47.04 -9.30 -15.44
C PRO A 161 -46.05 -8.23 -15.88
N ALA A 162 -46.54 -7.12 -16.48
CA ALA A 162 -45.63 -6.03 -16.93
C ALA A 162 -45.00 -5.30 -15.73
N VAL A 163 -45.81 -4.96 -14.71
CA VAL A 163 -45.31 -4.27 -13.52
C VAL A 163 -44.35 -5.17 -12.75
N PHE A 164 -44.69 -6.47 -12.61
CA PHE A 164 -43.84 -7.45 -11.95
C PHE A 164 -42.47 -7.54 -12.68
N ALA A 165 -42.51 -7.64 -14.02
CA ALA A 165 -41.30 -7.71 -14.83
C ALA A 165 -40.40 -6.48 -14.60
N VAL A 166 -40.97 -5.26 -14.52
CA VAL A 166 -40.16 -4.09 -14.24
C VAL A 166 -39.56 -4.17 -12.84
N GLN A 167 -40.37 -4.58 -11.86
CA GLN A 167 -39.92 -4.71 -10.48
C GLN A 167 -38.71 -5.63 -10.31
N VAL A 168 -38.80 -6.85 -10.87
CA VAL A 168 -37.70 -7.81 -10.74
C VAL A 168 -36.47 -7.41 -11.58
N ALA A 169 -36.68 -6.74 -12.73
CA ALA A 169 -35.56 -6.34 -13.54
C ALA A 169 -34.78 -5.20 -12.85
N LEU A 170 -35.50 -4.32 -12.12
CA LEU A 170 -34.89 -3.23 -11.35
C LEU A 170 -34.01 -3.83 -10.24
N ALA A 171 -34.54 -4.81 -9.48
CA ALA A 171 -33.79 -5.46 -8.42
C ALA A 171 -32.54 -6.19 -8.92
N ALA A 172 -32.66 -6.86 -10.08
CA ALA A 172 -31.52 -7.60 -10.64
C ALA A 172 -30.44 -6.61 -11.05
N THR A 173 -30.82 -5.47 -11.65
CA THR A 173 -29.85 -4.47 -12.04
C THR A 173 -29.13 -3.91 -10.83
N MET A 174 -29.88 -3.58 -9.77
CA MET A 174 -29.29 -3.02 -8.57
C MET A 174 -28.31 -3.94 -7.91
N GLU A 175 -28.57 -5.23 -7.97
CA GLU A 175 -27.70 -6.22 -7.34
C GLU A 175 -26.50 -6.59 -8.22
N GLN A 176 -26.76 -7.02 -9.45
CA GLN A 176 -25.70 -7.44 -10.36
C GLN A 176 -24.85 -6.31 -10.86
N THR A 177 -25.44 -5.22 -11.33
CA THR A 177 -24.67 -4.11 -11.88
C THR A 177 -24.12 -3.14 -10.79
N TYR A 178 -24.91 -2.81 -9.77
CA TYR A 178 -24.46 -1.83 -8.78
C TYR A 178 -23.99 -2.40 -7.43
N GLY A 179 -23.97 -3.73 -7.25
CA GLY A 179 -23.52 -4.29 -5.97
C GLY A 179 -24.38 -3.92 -4.78
N VAL A 180 -25.68 -3.76 -5.00
CA VAL A 180 -26.61 -3.46 -3.92
C VAL A 180 -27.48 -4.68 -3.59
N ARG A 181 -27.03 -5.47 -2.58
CA ARG A 181 -27.75 -6.62 -2.07
C ARG A 181 -28.77 -6.10 -1.06
N PRO A 182 -30.08 -6.44 -1.19
CA PRO A 182 -31.05 -5.91 -0.22
C PRO A 182 -30.86 -6.46 1.18
N GLY A 183 -31.13 -5.61 2.15
CA GLY A 183 -31.08 -5.99 3.56
C GLY A 183 -32.33 -6.76 3.95
N ALA A 184 -33.47 -6.45 3.30
CA ALA A 184 -34.80 -7.05 3.50
C ALA A 184 -35.69 -6.70 2.29
N VAL A 185 -36.85 -7.37 2.15
CA VAL A 185 -37.85 -7.06 1.13
C VAL A 185 -39.23 -6.91 1.78
N VAL A 186 -40.06 -6.00 1.26
CA VAL A 186 -41.43 -5.83 1.70
C VAL A 186 -42.28 -5.68 0.42
N GLY A 187 -43.35 -6.47 0.29
CA GLY A 187 -44.26 -6.41 -0.84
C GLY A 187 -45.65 -5.99 -0.43
N HIS A 188 -46.39 -5.34 -1.34
CA HIS A 188 -47.76 -4.87 -1.14
C HIS A 188 -48.61 -5.54 -2.23
N SER A 189 -49.52 -6.43 -1.83
CA SER A 189 -50.36 -7.26 -2.70
C SER A 189 -49.55 -7.88 -3.91
N MET A 190 -49.75 -7.52 -5.21
CA MET A 190 -49.01 -8.13 -6.31
C MET A 190 -47.48 -7.88 -6.23
N GLY A 191 -47.09 -6.88 -5.44
CA GLY A 191 -45.70 -6.62 -5.19
C GLY A 191 -45.02 -7.78 -4.52
N GLU A 192 -45.79 -8.60 -3.77
CA GLU A 192 -45.24 -9.77 -3.09
C GLU A 192 -44.68 -10.83 -4.02
N SER A 193 -45.10 -10.90 -5.31
CA SER A 193 -44.50 -11.91 -6.21
C SER A 193 -43.06 -11.50 -6.49
N ALA A 194 -42.79 -10.20 -6.77
CA ALA A 194 -41.43 -9.73 -7.00
C ALA A 194 -40.61 -9.85 -5.71
N ALA A 195 -41.21 -9.56 -4.56
CA ALA A 195 -40.53 -9.69 -3.28
C ALA A 195 -40.10 -11.15 -3.05
N ALA A 196 -40.96 -12.13 -3.39
CA ALA A 196 -40.65 -13.56 -3.27
C ALA A 196 -39.48 -14.00 -4.16
N VAL A 197 -39.36 -13.45 -5.40
CA VAL A 197 -38.22 -13.75 -6.29
C VAL A 197 -36.93 -13.20 -5.67
N VAL A 198 -36.95 -11.89 -5.30
CA VAL A 198 -35.80 -11.21 -4.73
C VAL A 198 -35.36 -11.83 -3.41
N ALA A 199 -36.30 -12.31 -2.58
CA ALA A 199 -35.95 -12.96 -1.32
C ALA A 199 -35.56 -14.41 -1.46
N GLY A 200 -35.68 -15.00 -2.64
CA GLY A 200 -35.31 -16.39 -2.84
C GLY A 200 -36.35 -17.41 -2.40
N ALA A 201 -37.59 -16.95 -2.15
CA ALA A 201 -38.73 -17.78 -1.76
C ALA A 201 -39.35 -18.49 -2.97
N LEU A 202 -39.21 -17.91 -4.17
CA LEU A 202 -39.68 -18.49 -5.42
C LEU A 202 -38.64 -18.24 -6.52
N SER A 203 -38.65 -19.07 -7.55
CA SER A 203 -37.80 -18.87 -8.70
C SER A 203 -38.45 -17.79 -9.55
N LEU A 204 -37.67 -17.08 -10.40
CA LEU A 204 -38.20 -16.04 -11.29
C LEU A 204 -39.42 -16.54 -12.10
N GLU A 205 -39.31 -17.78 -12.60
CA GLU A 205 -40.30 -18.46 -13.41
C GLU A 205 -41.57 -18.80 -12.65
N ASP A 206 -41.45 -19.31 -11.42
CA ASP A 206 -42.61 -19.64 -10.59
C ASP A 206 -43.31 -18.38 -10.16
N ALA A 207 -42.56 -17.32 -9.84
CA ALA A 207 -43.17 -16.05 -9.48
C ALA A 207 -43.88 -15.40 -10.65
N ALA A 208 -43.35 -15.60 -11.88
CA ALA A 208 -43.98 -15.11 -13.09
C ALA A 208 -45.31 -15.85 -13.29
N ARG A 209 -45.31 -17.19 -13.05
CA ARG A 209 -46.46 -18.07 -13.15
C ARG A 209 -47.51 -17.60 -12.14
N VAL A 210 -47.10 -17.25 -10.90
CA VAL A 210 -47.98 -16.73 -9.86
C VAL A 210 -48.70 -15.46 -10.30
N ILE A 211 -47.97 -14.44 -10.82
CA ILE A 211 -48.65 -13.21 -11.25
C ILE A 211 -49.47 -13.40 -12.53
N CYS A 212 -49.01 -14.25 -13.46
CA CYS A 212 -49.70 -14.46 -14.73
C CYS A 212 -51.02 -15.16 -14.50
N ARG A 213 -51.03 -16.20 -13.66
CA ARG A 213 -52.20 -16.99 -13.36
C ARG A 213 -53.22 -16.25 -12.46
N ARG A 214 -52.72 -15.48 -11.48
CA ARG A 214 -53.44 -14.65 -10.52
C ARG A 214 -54.30 -13.65 -11.36
N SER A 215 -53.65 -12.91 -12.30
CA SER A 215 -54.24 -11.89 -13.15
C SER A 215 -55.19 -12.43 -14.20
N LYS A 216 -54.96 -13.65 -14.68
CA LYS A 216 -55.86 -14.26 -15.64
C LYS A 216 -57.17 -14.63 -14.91
N LEU A 217 -57.08 -15.19 -13.71
CA LEU A 217 -58.27 -15.53 -12.94
C LEU A 217 -59.04 -14.29 -12.50
N MET A 218 -58.33 -13.17 -12.23
CA MET A 218 -59.03 -11.95 -11.81
C MET A 218 -59.87 -11.33 -12.88
N THR A 219 -59.58 -11.60 -14.17
CA THR A 219 -60.41 -11.10 -15.26
C THR A 219 -61.85 -11.68 -15.18
N ARG A 220 -62.00 -12.89 -14.61
CA ARG A 220 -63.31 -13.54 -14.46
C ARG A 220 -64.27 -12.75 -13.55
N ILE A 221 -63.70 -12.02 -12.57
CA ILE A 221 -64.51 -11.25 -11.62
C ILE A 221 -64.44 -9.76 -11.85
N ALA A 222 -64.06 -9.31 -13.06
CA ALA A 222 -63.96 -7.87 -13.31
C ALA A 222 -65.35 -7.25 -13.32
N GLY A 223 -65.49 -6.16 -12.57
CA GLY A 223 -66.74 -5.44 -12.39
C GLY A 223 -67.39 -5.66 -11.04
N ALA A 224 -66.93 -6.70 -10.28
CA ALA A 224 -67.42 -7.15 -8.95
C ALA A 224 -66.87 -6.35 -7.73
N GLY A 225 -67.51 -5.21 -7.45
CA GLY A 225 -67.16 -4.30 -6.38
C GLY A 225 -66.35 -3.06 -6.76
N ALA A 226 -66.02 -2.23 -5.75
CA ALA A 226 -65.23 -1.02 -5.88
C ALA A 226 -64.33 -0.83 -4.63
N MET A 227 -63.33 0.07 -4.71
CA MET A 227 -62.46 0.33 -3.57
C MET A 227 -62.29 1.82 -3.32
N GLY A 228 -61.87 2.17 -2.11
CA GLY A 228 -61.67 3.57 -1.75
C GLY A 228 -60.61 3.78 -0.68
N SER A 229 -59.83 4.86 -0.81
CA SER A 229 -58.82 5.21 0.18
C SER A 229 -59.40 6.23 1.15
N VAL A 230 -59.01 6.17 2.42
CA VAL A 230 -59.47 7.13 3.41
C VAL A 230 -58.31 7.43 4.35
N GLU A 231 -58.10 8.72 4.68
CA GLU A 231 -57.02 9.08 5.60
C GLU A 231 -57.51 9.04 7.03
N LEU A 232 -57.82 7.81 7.45
CA LEU A 232 -58.28 7.43 8.79
C LEU A 232 -57.59 6.12 9.15
N PRO A 233 -57.26 5.92 10.44
CA PRO A 233 -56.63 4.65 10.83
C PRO A 233 -57.65 3.50 10.72
N ALA A 234 -57.16 2.30 10.42
CA ALA A 234 -58.02 1.14 10.21
C ALA A 234 -58.95 0.79 11.39
N LYS A 235 -58.51 0.94 12.64
CA LYS A 235 -59.40 0.65 13.76
C LYS A 235 -60.62 1.55 13.78
N GLN A 236 -60.43 2.82 13.37
CA GLN A 236 -61.49 3.81 13.27
C GLN A 236 -62.44 3.45 12.11
N VAL A 237 -61.89 3.07 10.95
CA VAL A 237 -62.67 2.69 9.79
C VAL A 237 -63.56 1.49 10.09
N ASN A 238 -62.98 0.50 10.75
CA ASN A 238 -63.72 -0.71 11.13
C ASN A 238 -64.84 -0.38 12.08
N SER A 239 -64.61 0.54 13.02
CA SER A 239 -65.62 0.95 13.98
C SER A 239 -66.82 1.56 13.29
N GLU A 240 -66.57 2.39 12.26
CA GLU A 240 -67.61 3.05 11.48
C GLU A 240 -68.45 2.04 10.70
N LEU A 241 -67.82 1.00 10.12
CA LEU A 241 -68.52 -0.04 9.37
C LEU A 241 -69.45 -0.87 10.26
N MET A 242 -68.96 -1.23 11.46
CA MET A 242 -69.75 -2.00 12.39
C MET A 242 -70.87 -1.15 12.94
N ALA A 243 -70.57 0.10 13.31
CA ALA A 243 -71.58 1.02 13.82
C ALA A 243 -72.68 1.28 12.82
N ARG A 244 -72.33 1.38 11.53
CA ARG A 244 -73.32 1.63 10.49
C ARG A 244 -74.04 0.36 9.96
N GLY A 245 -73.76 -0.82 10.53
CA GLY A 245 -74.37 -2.08 10.12
C GLY A 245 -73.97 -2.56 8.73
N ILE A 246 -72.75 -2.23 8.32
CA ILE A 246 -72.20 -2.55 7.00
C ILE A 246 -71.44 -3.87 7.01
N ASP A 247 -71.95 -4.90 6.29
CA ASP A 247 -71.25 -6.20 6.21
C ASP A 247 -70.67 -6.53 4.82
N ASP A 248 -70.97 -5.71 3.82
CA ASP A 248 -70.55 -5.87 2.43
C ASP A 248 -69.29 -5.08 2.03
N VAL A 249 -68.78 -4.24 2.93
CA VAL A 249 -67.57 -3.48 2.71
C VAL A 249 -66.67 -3.76 3.95
N VAL A 250 -65.35 -4.03 3.69
CA VAL A 250 -64.33 -4.37 4.71
C VAL A 250 -63.01 -3.55 4.49
N VAL A 251 -62.06 -3.60 5.46
CA VAL A 251 -60.74 -2.99 5.33
C VAL A 251 -59.91 -3.96 4.46
N SER A 252 -59.53 -3.51 3.29
CA SER A 252 -58.77 -4.29 2.34
C SER A 252 -57.29 -4.05 2.47
N VAL A 253 -56.88 -2.81 2.74
CA VAL A 253 -55.47 -2.48 2.84
C VAL A 253 -55.22 -1.60 4.06
N VAL A 254 -54.14 -1.86 4.80
CA VAL A 254 -53.74 -1.04 5.92
C VAL A 254 -52.34 -0.53 5.55
N ALA A 255 -52.24 0.61 4.86
CA ALA A 255 -50.96 1.07 4.33
C ALA A 255 -50.11 1.88 5.31
N SER A 256 -50.75 2.63 6.19
CA SER A 256 -50.03 3.43 7.18
C SER A 256 -50.88 3.56 8.44
N PRO A 257 -50.27 3.94 9.58
CA PRO A 257 -51.07 4.14 10.80
C PRO A 257 -52.21 5.14 10.63
N GLN A 258 -52.14 6.02 9.62
CA GLN A 258 -53.19 6.99 9.34
C GLN A 258 -53.89 6.80 7.98
N SER A 259 -53.56 5.72 7.24
CA SER A 259 -54.20 5.46 5.95
C SER A 259 -54.79 4.04 5.81
N THR A 260 -56.02 3.96 5.23
CA THR A 260 -56.76 2.70 5.06
C THR A 260 -57.45 2.62 3.69
N VAL A 261 -57.49 1.43 3.08
CA VAL A 261 -58.25 1.24 1.85
C VAL A 261 -59.40 0.29 2.16
N ILE A 262 -60.65 0.67 1.85
CA ILE A 262 -61.82 -0.19 2.01
C ILE A 262 -62.21 -0.81 0.67
N GLY A 263 -62.85 -1.97 0.72
CA GLY A 263 -63.28 -2.68 -0.48
C GLY A 263 -64.56 -3.43 -0.23
N GLY A 264 -65.39 -3.49 -1.24
CA GLY A 264 -66.66 -4.17 -1.13
C GLY A 264 -67.60 -3.79 -2.25
N THR A 265 -68.92 -3.88 -2.01
CA THR A 265 -69.91 -3.55 -3.04
C THR A 265 -69.78 -2.09 -3.52
N SER A 266 -69.96 -1.89 -4.82
CA SER A 266 -69.78 -0.60 -5.49
C SER A 266 -70.57 0.57 -4.87
N ASP A 267 -71.85 0.32 -4.54
CA ASP A 267 -72.75 1.33 -3.96
C ASP A 267 -72.37 1.79 -2.55
N THR A 268 -72.13 0.84 -1.62
CA THR A 268 -71.77 1.14 -0.23
C THR A 268 -70.42 1.81 -0.13
N VAL A 269 -69.48 1.44 -1.02
CA VAL A 269 -68.17 2.09 -1.03
C VAL A 269 -68.35 3.57 -1.46
N ARG A 270 -69.20 3.82 -2.48
CA ARG A 270 -69.46 5.18 -2.96
C ARG A 270 -70.15 6.03 -1.91
N ASP A 271 -71.10 5.43 -1.20
CA ASP A 271 -71.85 6.04 -0.11
C ASP A 271 -70.94 6.43 1.07
N LEU A 272 -69.95 5.57 1.40
CA LEU A 272 -68.99 5.79 2.49
C LEU A 272 -68.01 6.89 2.16
N ILE A 273 -67.58 6.96 0.89
CA ILE A 273 -66.64 7.99 0.47
C ILE A 273 -67.33 9.34 0.46
N ALA A 274 -68.62 9.38 0.03
CA ALA A 274 -69.43 10.58 0.04
C ALA A 274 -69.49 11.16 1.47
N ARG A 275 -69.82 10.32 2.46
CA ARG A 275 -69.91 10.72 3.85
C ARG A 275 -68.58 11.18 4.45
N TRP A 276 -67.46 10.52 4.11
CA TRP A 276 -66.15 10.92 4.67
C TRP A 276 -65.71 12.28 4.15
N GLU A 277 -65.94 12.52 2.86
CA GLU A 277 -65.61 13.77 2.18
C GLU A 277 -66.36 14.94 2.80
N GLN A 278 -67.64 14.73 3.14
CA GLN A 278 -68.54 15.70 3.78
C GLN A 278 -68.04 16.11 5.18
N ARG A 279 -67.33 15.20 5.87
CA ARG A 279 -66.70 15.43 7.18
C ARG A 279 -65.24 15.93 7.05
N ASP A 280 -64.88 16.43 5.85
CA ASP A 280 -63.59 16.99 5.48
C ASP A 280 -62.47 16.02 5.78
N VAL A 281 -62.69 14.74 5.47
CA VAL A 281 -61.65 13.70 5.60
C VAL A 281 -61.15 13.40 4.20
N MET A 282 -59.87 13.02 4.05
CA MET A 282 -59.31 12.79 2.75
C MET A 282 -59.67 11.44 2.08
N ALA A 283 -60.96 11.25 1.72
CA ALA A 283 -61.55 10.09 1.03
C ALA A 283 -61.47 10.23 -0.51
N ARG A 284 -61.53 9.08 -1.25
CA ARG A 284 -61.47 9.01 -2.73
C ARG A 284 -61.59 7.61 -3.28
N GLU A 285 -62.36 7.43 -4.35
CA GLU A 285 -62.48 6.12 -4.98
C GLU A 285 -61.15 5.72 -5.65
N VAL A 286 -60.79 4.44 -5.56
CA VAL A 286 -59.61 3.92 -6.19
C VAL A 286 -60.04 3.17 -7.47
N ALA A 287 -59.27 3.37 -8.55
CA ALA A 287 -59.49 2.78 -9.88
C ALA A 287 -59.40 1.26 -9.89
N VAL A 288 -60.54 0.58 -9.71
CA VAL A 288 -60.57 -0.88 -9.73
C VAL A 288 -61.84 -1.37 -10.46
N ASP A 289 -61.74 -2.62 -10.94
CA ASP A 289 -62.75 -3.46 -11.58
C ASP A 289 -63.31 -4.40 -10.47
N VAL A 290 -62.42 -4.94 -9.65
CA VAL A 290 -62.71 -5.88 -8.59
C VAL A 290 -62.41 -5.21 -7.24
N ALA A 291 -62.96 -5.71 -6.14
CA ALA A 291 -62.59 -5.24 -4.82
C ALA A 291 -61.71 -6.32 -4.21
N PHE A 292 -60.39 -6.24 -4.39
CA PHE A 292 -59.46 -7.25 -3.87
C PHE A 292 -59.38 -7.22 -2.35
N HIS A 293 -58.88 -8.29 -1.72
CA HIS A 293 -58.72 -8.37 -0.27
C HIS A 293 -60.04 -8.12 0.47
N SER A 294 -61.12 -8.60 -0.14
CA SER A 294 -62.52 -8.54 0.31
C SER A 294 -63.21 -9.85 -0.16
N PRO A 295 -64.44 -10.16 0.32
CA PRO A 295 -65.10 -11.39 -0.14
C PRO A 295 -65.40 -11.40 -1.65
N GLN A 296 -65.17 -10.29 -2.39
CA GLN A 296 -65.42 -10.28 -3.84
C GLN A 296 -64.51 -11.26 -4.58
N VAL A 297 -63.33 -11.54 -4.03
CA VAL A 297 -62.39 -12.46 -4.67
C VAL A 297 -62.62 -13.93 -4.33
N ASP A 298 -63.58 -14.22 -3.41
CA ASP A 298 -63.88 -15.58 -2.95
C ASP A 298 -64.13 -16.58 -4.11
N PRO A 299 -64.92 -16.26 -5.17
CA PRO A 299 -65.16 -17.28 -6.21
C PRO A 299 -63.91 -17.87 -6.88
N ILE A 300 -62.92 -17.02 -7.14
CA ILE A 300 -61.73 -17.44 -7.85
C ILE A 300 -60.63 -18.10 -6.97
N LEU A 301 -60.81 -18.16 -5.64
CA LEU A 301 -59.78 -18.71 -4.77
C LEU A 301 -59.54 -20.25 -4.89
N ASP A 302 -60.59 -21.04 -5.17
CA ASP A 302 -60.41 -22.48 -5.32
C ASP A 302 -59.57 -22.74 -6.60
N ASP A 303 -59.90 -22.02 -7.68
CA ASP A 303 -59.23 -22.13 -8.98
C ASP A 303 -57.79 -21.69 -8.90
N LEU A 304 -57.50 -20.65 -8.12
CA LEU A 304 -56.14 -20.14 -7.97
C LEU A 304 -55.27 -21.17 -7.27
N ALA A 305 -55.81 -21.79 -6.19
CA ALA A 305 -55.13 -22.81 -5.41
C ALA A 305 -54.70 -23.97 -6.31
N ALA A 306 -55.60 -24.36 -7.25
CA ALA A 306 -55.41 -25.43 -8.22
C ALA A 306 -54.34 -25.06 -9.22
N ALA A 307 -54.35 -23.81 -9.74
CA ALA A 307 -53.38 -23.32 -10.71
C ALA A 307 -51.96 -23.29 -10.13
N LEU A 308 -51.86 -22.94 -8.83
CA LEU A 308 -50.57 -22.79 -8.15
C LEU A 308 -50.14 -24.03 -7.32
N ALA A 309 -50.79 -25.17 -7.55
CA ALA A 309 -50.45 -26.40 -6.84
C ALA A 309 -49.03 -26.89 -7.16
N ASP A 310 -48.45 -26.46 -8.30
CA ASP A 310 -47.12 -26.95 -8.71
C ASP A 310 -45.97 -26.02 -8.39
N ILE A 311 -46.28 -24.78 -7.94
CA ILE A 311 -45.34 -23.76 -7.53
C ILE A 311 -44.42 -24.35 -6.44
N ALA A 312 -43.10 -24.23 -6.61
CA ALA A 312 -42.14 -24.80 -5.66
C ALA A 312 -41.56 -23.74 -4.70
N PRO A 313 -42.13 -23.58 -3.50
CA PRO A 313 -41.58 -22.59 -2.59
C PRO A 313 -40.26 -23.01 -1.96
N MET A 314 -39.48 -22.02 -1.54
CA MET A 314 -38.18 -22.18 -0.92
C MET A 314 -38.05 -21.29 0.30
N THR A 315 -37.12 -21.61 1.20
CA THR A 315 -36.89 -20.84 2.41
C THR A 315 -36.24 -19.51 2.03
N PRO A 316 -36.82 -18.36 2.41
CA PRO A 316 -36.23 -17.08 2.01
C PRO A 316 -34.82 -16.91 2.53
N LYS A 317 -33.97 -16.43 1.63
CA LYS A 317 -32.56 -16.12 1.87
C LYS A 317 -32.36 -14.72 2.48
N VAL A 318 -33.33 -13.82 2.33
CA VAL A 318 -33.30 -12.44 2.81
C VAL A 318 -34.53 -12.20 3.73
N PRO A 319 -34.43 -11.36 4.78
CA PRO A 319 -35.60 -11.07 5.61
C PRO A 319 -36.78 -10.58 4.77
N TYR A 320 -37.94 -11.24 4.91
CA TYR A 320 -39.14 -10.98 4.14
C TYR A 320 -40.21 -10.56 5.13
N TYR A 321 -40.62 -9.29 5.01
CA TYR A 321 -41.65 -8.74 5.88
C TYR A 321 -43.00 -8.92 5.18
N SER A 322 -43.72 -9.97 5.59
CA SER A 322 -44.98 -10.33 4.98
C SER A 322 -46.15 -9.43 5.35
N ALA A 323 -46.87 -8.95 4.33
CA ALA A 323 -48.11 -8.18 4.50
C ALA A 323 -49.37 -9.14 4.48
N THR A 324 -49.14 -10.46 4.24
CA THR A 324 -50.15 -11.51 4.15
C THR A 324 -50.29 -12.23 5.50
N LEU A 325 -49.15 -12.64 6.10
CA LEU A 325 -49.08 -13.33 7.40
C LEU A 325 -49.49 -12.41 8.54
N PHE A 326 -49.97 -13.00 9.66
CA PHE A 326 -50.37 -12.16 10.80
C PHE A 326 -49.17 -11.66 11.60
N ASP A 327 -47.97 -12.30 11.45
CA ASP A 327 -46.72 -11.81 12.01
C ASP A 327 -45.86 -11.50 10.82
N PRO A 328 -45.55 -10.21 10.57
CA PRO A 328 -44.73 -9.88 9.39
C PRO A 328 -43.30 -10.39 9.51
N ARG A 329 -42.82 -10.56 10.76
CA ARG A 329 -41.49 -11.10 10.99
C ARG A 329 -41.38 -12.56 10.61
N GLU A 330 -42.50 -13.32 10.65
CA GLU A 330 -42.54 -14.72 10.23
C GLU A 330 -42.11 -14.85 8.76
N GLN A 331 -41.42 -15.94 8.43
CA GLN A 331 -40.92 -16.12 7.07
C GLN A 331 -41.86 -17.00 6.25
N PRO A 332 -42.34 -16.47 5.12
CA PRO A 332 -43.33 -17.19 4.34
C PRO A 332 -42.92 -18.50 3.67
N VAL A 333 -43.95 -19.39 3.58
CA VAL A 333 -43.92 -20.60 2.80
C VAL A 333 -44.80 -20.25 1.63
N CYS A 334 -44.16 -19.78 0.52
CA CYS A 334 -44.83 -19.24 -0.65
C CYS A 334 -45.46 -20.29 -1.58
N ASP A 335 -46.25 -21.19 -0.99
CA ASP A 335 -47.03 -22.19 -1.69
C ASP A 335 -48.36 -21.55 -2.23
N GLY A 336 -49.17 -22.30 -2.97
CA GLY A 336 -50.42 -21.78 -3.51
C GLY A 336 -51.35 -21.21 -2.46
N ALA A 337 -51.38 -21.83 -1.26
CA ALA A 337 -52.20 -21.37 -0.14
C ALA A 337 -51.78 -19.94 0.27
N TYR A 338 -50.46 -19.67 0.25
CA TYR A 338 -49.93 -18.34 0.55
C TYR A 338 -50.47 -17.32 -0.46
N TRP A 339 -50.46 -17.65 -1.75
CA TRP A 339 -50.92 -16.71 -2.75
C TRP A 339 -52.42 -16.52 -2.75
N VAL A 340 -53.19 -17.52 -2.25
CA VAL A 340 -54.63 -17.37 -2.11
C VAL A 340 -54.89 -16.38 -0.94
N ASP A 341 -54.16 -16.58 0.20
CA ASP A 341 -54.25 -15.68 1.35
C ASP A 341 -53.81 -14.27 0.96
N ASN A 342 -52.80 -14.15 0.11
CA ASN A 342 -52.30 -12.86 -0.34
C ASN A 342 -53.40 -12.07 -1.05
N LEU A 343 -54.19 -12.75 -1.88
CA LEU A 343 -55.28 -12.12 -2.61
C LEU A 343 -56.51 -11.81 -1.74
N ARG A 344 -56.79 -12.66 -0.74
CA ARG A 344 -57.98 -12.52 0.09
C ARG A 344 -57.80 -11.73 1.39
N ASN A 345 -56.73 -11.97 2.14
CA ASN A 345 -56.45 -11.26 3.39
C ASN A 345 -56.15 -9.79 3.18
N THR A 346 -56.31 -8.99 4.23
CA THR A 346 -56.00 -7.57 4.21
C THR A 346 -54.49 -7.38 3.98
N VAL A 347 -54.10 -6.35 3.19
CA VAL A 347 -52.69 -6.09 2.96
C VAL A 347 -52.20 -5.35 4.21
N GLN A 348 -51.51 -6.03 5.14
CA GLN A 348 -51.02 -5.40 6.37
C GLN A 348 -49.66 -4.77 6.12
N PHE A 349 -49.62 -3.81 5.18
CA PHE A 349 -48.39 -3.17 4.76
C PHE A 349 -47.77 -2.34 5.85
N ALA A 350 -48.57 -1.58 6.59
CA ALA A 350 -48.04 -0.73 7.67
C ALA A 350 -47.34 -1.54 8.75
N ALA A 351 -47.92 -2.67 9.10
CA ALA A 351 -47.34 -3.54 10.11
C ALA A 351 -46.00 -4.15 9.63
N ALA A 352 -45.88 -4.43 8.31
CA ALA A 352 -44.68 -5.02 7.76
C ALA A 352 -43.57 -3.99 7.76
N VAL A 353 -43.87 -2.75 7.34
CA VAL A 353 -42.89 -1.65 7.34
C VAL A 353 -42.48 -1.29 8.78
N GLN A 354 -43.44 -1.30 9.70
CA GLN A 354 -43.18 -1.01 11.10
C GLN A 354 -42.26 -2.07 11.69
N ALA A 355 -42.44 -3.34 11.32
CA ALA A 355 -41.59 -4.40 11.83
C ALA A 355 -40.15 -4.22 11.32
N ALA A 356 -39.97 -3.87 10.04
CA ALA A 356 -38.64 -3.65 9.47
C ALA A 356 -37.96 -2.48 10.12
N MET A 357 -38.70 -1.42 10.41
CA MET A 357 -38.14 -0.25 11.10
C MET A 357 -37.79 -0.56 12.55
N GLU A 358 -38.63 -1.32 13.24
CA GLU A 358 -38.33 -1.73 14.61
C GLU A 358 -37.05 -2.61 14.61
N ASP A 359 -36.86 -3.45 13.58
CA ASP A 359 -35.67 -4.28 13.48
C ASP A 359 -34.37 -3.53 13.07
N GLY A 360 -34.48 -2.23 12.81
CA GLY A 360 -33.33 -1.40 12.52
C GLY A 360 -33.14 -0.90 11.12
N TYR A 361 -34.02 -1.25 10.18
CA TYR A 361 -33.85 -0.77 8.82
C TYR A 361 -34.31 0.69 8.67
N ARG A 362 -33.51 1.54 8.00
CA ARG A 362 -33.85 2.97 7.84
C ARG A 362 -33.87 3.43 6.37
N VAL A 363 -33.28 2.64 5.46
CA VAL A 363 -33.26 3.02 4.05
C VAL A 363 -34.20 2.08 3.28
N PHE A 364 -35.22 2.66 2.64
CA PHE A 364 -36.24 1.96 1.88
C PHE A 364 -36.21 2.51 0.47
N ALA A 365 -36.25 1.66 -0.54
CA ALA A 365 -36.23 2.10 -1.91
C ALA A 365 -37.33 1.33 -2.61
N GLU A 366 -38.23 2.04 -3.25
CA GLU A 366 -39.31 1.39 -3.95
C GLU A 366 -38.94 1.05 -5.35
N LEU A 367 -38.73 -0.26 -5.62
CA LEU A 367 -38.44 -0.70 -6.98
C LEU A 367 -39.76 -0.93 -7.75
N SER A 368 -40.24 0.12 -8.42
CA SER A 368 -41.49 0.10 -9.17
C SER A 368 -41.43 1.18 -10.28
N PRO A 369 -42.28 1.07 -11.34
CA PRO A 369 -42.26 2.08 -12.41
C PRO A 369 -42.53 3.53 -11.98
N HIS A 370 -43.18 3.71 -10.83
CA HIS A 370 -43.52 5.00 -10.24
C HIS A 370 -43.83 4.79 -8.76
N PRO A 371 -43.41 5.70 -7.85
CA PRO A 371 -43.68 5.48 -6.41
C PRO A 371 -45.16 5.57 -5.96
N LEU A 372 -45.66 4.49 -5.35
CA LEU A 372 -47.03 4.41 -4.84
C LEU A 372 -47.04 4.43 -3.29
N LEU A 373 -45.98 3.90 -2.67
CA LEU A 373 -45.90 3.72 -1.23
C LEU A 373 -44.77 4.49 -0.55
N THR A 374 -44.24 5.55 -1.19
CA THR A 374 -43.18 6.34 -0.57
C THR A 374 -43.73 7.06 0.64
N HIS A 375 -44.93 7.68 0.46
CA HIS A 375 -45.58 8.45 1.52
CA HIS A 375 -45.53 8.45 1.53
C HIS A 375 -46.00 7.54 2.67
N ALA A 376 -46.44 6.32 2.37
CA ALA A 376 -46.85 5.37 3.41
C ALA A 376 -45.65 5.01 4.33
N VAL A 377 -44.45 4.78 3.73
CA VAL A 377 -43.21 4.45 4.45
C VAL A 377 -42.81 5.63 5.33
N GLU A 378 -42.90 6.86 4.79
CA GLU A 378 -42.58 8.07 5.53
C GLU A 378 -43.53 8.24 6.73
N GLN A 379 -44.83 8.00 6.53
CA GLN A 379 -45.81 8.13 7.60
C GLN A 379 -45.56 7.13 8.74
N THR A 380 -45.15 5.87 8.40
CA THR A 380 -44.84 4.86 9.42
C THR A 380 -43.56 5.30 10.22
N GLY A 381 -42.53 5.82 9.53
CA GLY A 381 -41.31 6.30 10.17
C GLY A 381 -41.56 7.43 11.14
N ARG A 382 -42.38 8.40 10.71
CA ARG A 382 -42.81 9.56 11.47
C ARG A 382 -43.57 9.11 12.70
N SER A 383 -44.39 8.04 12.58
CA SER A 383 -45.16 7.52 13.72
C SER A 383 -44.28 6.83 14.76
N LEU A 384 -43.13 6.30 14.32
CA LEU A 384 -42.17 5.68 15.24
C LEU A 384 -41.10 6.67 15.74
N ASP A 385 -41.19 7.96 15.33
CA ASP A 385 -40.28 9.05 15.63
C ASP A 385 -38.86 8.68 15.21
N MET A 386 -38.75 8.13 13.97
CA MET A 386 -37.51 7.70 13.35
C MET A 386 -37.20 8.48 12.09
N SER A 387 -35.88 8.68 11.82
CA SER A 387 -35.38 9.32 10.61
C SER A 387 -35.07 8.22 9.60
N VAL A 388 -35.90 8.14 8.57
CA VAL A 388 -35.88 7.12 7.52
C VAL A 388 -35.75 7.78 6.15
N ALA A 389 -35.37 7.00 5.15
CA ALA A 389 -35.28 7.48 3.78
C ALA A 389 -36.21 6.58 2.94
N ALA A 390 -37.18 7.18 2.23
CA ALA A 390 -38.09 6.41 1.37
C ALA A 390 -37.81 6.86 -0.05
N LEU A 391 -37.03 6.09 -0.78
CA LEU A 391 -36.58 6.46 -2.12
C LEU A 391 -37.47 5.85 -3.18
N ALA A 392 -37.53 6.45 -4.38
CA ALA A 392 -38.24 5.88 -5.51
C ALA A 392 -37.20 5.40 -6.52
N GLY A 393 -37.32 4.15 -6.98
CA GLY A 393 -36.39 3.60 -7.96
C GLY A 393 -36.57 4.24 -9.33
N MET A 394 -37.83 4.51 -9.68
CA MET A 394 -38.20 5.14 -10.93
C MET A 394 -39.39 6.08 -10.72
N ARG A 395 -39.51 7.05 -11.62
CA ARG A 395 -40.63 7.94 -11.65
C ARG A 395 -41.15 8.00 -13.09
N ARG A 396 -42.46 8.22 -13.25
CA ARG A 396 -43.13 8.35 -14.53
C ARG A 396 -42.51 9.49 -15.35
N GLU A 397 -42.06 9.17 -16.56
CA GLU A 397 -41.43 10.07 -17.54
C GLU A 397 -40.08 10.65 -17.07
N GLN A 398 -39.45 10.02 -16.07
CA GLN A 398 -38.16 10.45 -15.62
C GLN A 398 -37.15 9.97 -16.61
N PRO A 399 -36.36 10.87 -17.17
CA PRO A 399 -35.26 10.45 -18.04
C PRO A 399 -34.23 9.69 -17.23
N LEU A 400 -33.80 8.54 -17.77
CA LEU A 400 -32.79 7.68 -17.16
C LEU A 400 -31.64 7.45 -18.15
N PRO A 401 -30.94 8.52 -18.55
CA PRO A 401 -29.84 8.34 -19.52
C PRO A 401 -28.66 7.54 -18.95
N HIS A 402 -28.48 7.57 -17.63
CA HIS A 402 -27.42 6.83 -16.96
C HIS A 402 -27.98 5.65 -16.15
N GLY A 403 -29.10 5.08 -16.61
CA GLY A 403 -29.75 3.94 -15.95
C GLY A 403 -30.08 4.20 -14.50
N LEU A 404 -29.78 3.22 -13.66
CA LEU A 404 -30.06 3.33 -12.25
C LEU A 404 -28.91 3.90 -11.44
N ARG A 405 -27.91 4.54 -12.08
CA ARG A 405 -26.78 5.12 -11.37
C ARG A 405 -27.23 6.22 -10.40
N GLY A 406 -28.34 6.90 -10.72
CA GLY A 406 -28.95 7.93 -9.89
C GLY A 406 -29.46 7.38 -8.57
N LEU A 407 -30.14 6.21 -8.66
CA LEU A 407 -30.67 5.50 -7.50
C LEU A 407 -29.51 5.00 -6.63
N LEU A 408 -28.38 4.58 -7.25
CA LEU A 408 -27.20 4.14 -6.51
C LEU A 408 -26.63 5.30 -5.68
N THR A 409 -26.56 6.50 -6.29
CA THR A 409 -26.07 7.70 -5.63
C THR A 409 -26.94 8.03 -4.43
N GLU A 410 -28.30 8.01 -4.59
CA GLU A 410 -29.23 8.30 -3.51
C GLU A 410 -29.18 7.27 -2.42
N LEU A 411 -28.90 5.98 -2.76
CA LEU A 411 -28.76 4.92 -1.76
C LEU A 411 -27.49 5.17 -0.95
N HIS A 412 -26.39 5.60 -1.62
CA HIS A 412 -25.14 5.91 -0.97
C HIS A 412 -25.34 7.10 -0.04
N ARG A 413 -25.89 8.22 -0.56
CA ARG A 413 -26.14 9.44 0.19
C ARG A 413 -26.92 9.17 1.47
N ALA A 414 -27.91 8.22 1.43
CA ALA A 414 -28.79 7.79 2.54
C ALA A 414 -28.12 6.88 3.54
N GLY A 415 -27.00 6.25 3.19
CA GLY A 415 -26.28 5.37 4.10
C GLY A 415 -26.61 3.89 4.01
N ALA A 416 -27.12 3.44 2.86
CA ALA A 416 -27.42 2.03 2.69
C ALA A 416 -26.09 1.29 2.49
N ALA A 417 -25.99 0.07 3.05
CA ALA A 417 -24.81 -0.75 2.85
C ALA A 417 -24.76 -1.23 1.40
N LEU A 418 -23.62 -1.00 0.75
CA LEU A 418 -23.43 -1.44 -0.61
C LEU A 418 -21.95 -1.80 -0.89
N ASP A 419 -21.71 -2.54 -1.98
CA ASP A 419 -20.38 -3.04 -2.34
C ASP A 419 -19.77 -2.05 -3.28
N TYR A 420 -18.79 -1.26 -2.77
CA TYR A 420 -18.18 -0.23 -3.62
C TYR A 420 -17.23 -0.83 -4.68
N SER A 421 -16.84 -2.10 -4.54
CA SER A 421 -15.98 -2.76 -5.54
C SER A 421 -16.77 -3.14 -6.84
N ALA A 422 -18.13 -2.98 -6.84
CA ALA A 422 -18.95 -3.26 -8.01
C ALA A 422 -18.83 -2.12 -8.96
N LEU A 423 -18.94 -0.86 -8.47
CA LEU A 423 -18.90 0.30 -9.33
C LEU A 423 -17.46 0.83 -9.53
N TYR A 424 -16.55 0.55 -8.59
CA TYR A 424 -15.17 1.02 -8.67
C TYR A 424 -14.29 -0.23 -8.55
N PRO A 425 -14.26 -1.13 -9.55
CA PRO A 425 -13.57 -2.42 -9.38
C PRO A 425 -12.05 -2.38 -9.18
N ALA A 426 -11.31 -1.46 -9.83
CA ALA A 426 -9.85 -1.36 -9.60
C ALA A 426 -9.26 0.08 -9.89
N GLY A 427 -8.07 0.33 -9.36
CA GLY A 427 -7.42 1.62 -9.50
C GLY A 427 -6.31 1.78 -8.49
N ARG A 428 -5.60 2.90 -8.55
CA ARG A 428 -4.50 3.18 -7.64
C ARG A 428 -4.99 4.21 -6.64
N LEU A 429 -4.64 4.02 -5.37
CA LEU A 429 -4.99 5.00 -4.35
C LEU A 429 -4.12 6.26 -4.59
N VAL A 430 -4.75 7.42 -4.76
CA VAL A 430 -4.02 8.66 -5.00
C VAL A 430 -3.92 9.52 -3.75
N ASP A 431 -2.88 10.35 -3.70
CA ASP A 431 -2.61 11.23 -2.58
C ASP A 431 -3.49 12.47 -2.56
N ALA A 432 -4.80 12.25 -2.68
CA ALA A 432 -5.82 13.29 -2.63
C ALA A 432 -5.99 13.76 -1.18
N PRO A 433 -6.44 15.00 -0.94
CA PRO A 433 -6.59 15.47 0.44
C PRO A 433 -7.53 14.65 1.35
N LEU A 434 -7.09 14.55 2.61
CA LEU A 434 -7.77 13.88 3.70
C LEU A 434 -8.20 14.98 4.65
N PRO A 435 -9.52 15.31 4.71
CA PRO A 435 -9.96 16.39 5.62
C PRO A 435 -9.76 16.08 7.11
N ALA A 436 -9.50 17.12 7.95
CA ALA A 436 -9.36 16.92 9.39
C ALA A 436 -10.66 16.31 10.01
N TRP A 437 -10.59 15.81 11.27
CA TRP A 437 -11.74 15.14 11.88
C TRP A 437 -12.93 16.08 12.18
N SER B 11 12.54 19.27 1.31
CA SER B 11 13.07 17.93 1.11
C SER B 11 14.66 17.87 1.20
N SER B 12 15.20 16.73 1.72
CA SER B 12 16.64 16.47 1.90
C SER B 12 17.34 16.16 0.56
N PRO B 13 18.68 16.33 0.41
CA PRO B 13 19.33 16.01 -0.87
C PRO B 13 19.38 14.49 -1.10
N ARG B 14 19.07 14.07 -2.34
CA ARG B 14 19.00 12.66 -2.72
C ARG B 14 19.98 12.35 -3.84
N LEU B 15 20.44 11.09 -3.94
CA LEU B 15 21.34 10.65 -5.01
C LEU B 15 20.50 10.01 -6.09
N PHE B 16 20.46 10.63 -7.26
CA PHE B 16 19.73 10.08 -8.38
C PHE B 16 20.69 9.29 -9.21
N MET B 17 20.54 7.95 -9.21
CA MET B 17 21.47 7.11 -9.95
C MET B 17 21.15 6.97 -11.41
N LEU B 18 22.20 7.11 -12.18
CA LEU B 18 22.16 7.11 -13.62
C LEU B 18 23.21 6.17 -14.13
N SER B 19 22.89 5.40 -15.16
CA SER B 19 23.83 4.45 -15.73
C SER B 19 23.56 4.16 -17.18
N SER B 20 24.62 3.80 -17.90
CA SER B 20 24.55 3.50 -19.32
C SER B 20 25.71 2.56 -19.76
N THR B 21 25.90 2.42 -21.06
CA THR B 21 26.91 1.53 -21.61
C THR B 21 28.22 2.23 -21.96
N SER B 22 28.19 3.56 -22.18
CA SER B 22 29.39 4.36 -22.49
C SER B 22 29.29 5.77 -21.89
N SER B 23 30.41 6.53 -21.88
CA SER B 23 30.41 7.89 -21.33
C SER B 23 29.45 8.80 -22.14
N ASP B 24 29.46 8.64 -23.47
CA ASP B 24 28.59 9.43 -24.35
C ASP B 24 27.11 9.01 -24.23
N ALA B 25 26.85 7.71 -24.11
CA ALA B 25 25.48 7.22 -23.93
C ALA B 25 24.94 7.60 -22.54
N LEU B 26 25.82 7.74 -21.53
CA LEU B 26 25.41 8.16 -20.20
C LEU B 26 24.99 9.66 -20.24
N ARG B 27 25.66 10.46 -21.07
CA ARG B 27 25.29 11.87 -21.25
C ARG B 27 23.96 12.00 -21.98
N GLN B 28 23.70 11.11 -22.95
CA GLN B 28 22.44 11.06 -23.70
C GLN B 28 21.29 10.68 -22.75
N THR B 29 21.54 9.74 -21.82
CA THR B 29 20.62 9.28 -20.78
C THR B 29 20.26 10.46 -19.88
N ALA B 30 21.29 11.19 -19.43
CA ALA B 30 21.15 12.36 -18.57
C ALA B 30 20.29 13.43 -19.24
N ARG B 31 20.51 13.65 -20.55
CA ARG B 31 19.76 14.64 -21.31
C ARG B 31 18.30 14.27 -21.45
N GLN B 32 18.00 13.00 -21.78
CA GLN B 32 16.61 12.53 -21.90
C GLN B 32 15.92 12.65 -20.54
N LEU B 33 16.63 12.27 -19.46
CA LEU B 33 16.04 12.34 -18.13
C LEU B 33 15.73 13.77 -17.75
N ALA B 34 16.65 14.73 -18.02
CA ALA B 34 16.45 16.14 -17.69
C ALA B 34 15.25 16.73 -18.39
N THR B 35 15.06 16.40 -19.66
CA THR B 35 13.92 16.88 -20.42
C THR B 35 12.60 16.32 -19.85
N TRP B 36 12.60 15.02 -19.45
CA TRP B 36 11.42 14.36 -18.86
C TRP B 36 11.09 14.96 -17.51
N VAL B 37 12.10 15.08 -16.64
CA VAL B 37 11.95 15.63 -15.30
C VAL B 37 11.42 17.05 -15.37
N GLU B 38 11.94 17.83 -16.33
CA GLU B 38 11.51 19.20 -16.51
C GLU B 38 10.03 19.28 -16.89
N GLU B 39 9.53 18.37 -17.72
CA GLU B 39 8.13 18.37 -18.10
C GLU B 39 7.17 17.83 -17.04
N HIS B 40 7.63 16.85 -16.23
CA HIS B 40 6.76 16.24 -15.23
C HIS B 40 7.09 16.61 -13.80
N GLN B 41 7.86 17.69 -13.57
CA GLN B 41 8.28 18.04 -12.21
C GLN B 41 7.14 18.30 -11.25
N ASP B 42 6.02 18.78 -11.76
CA ASP B 42 4.86 19.02 -10.92
C ASP B 42 4.06 17.75 -10.57
N CYS B 43 4.37 16.61 -11.22
CA CYS B 43 3.68 15.35 -10.99
C CYS B 43 4.46 14.39 -10.16
N VAL B 44 5.76 14.35 -10.41
CA VAL B 44 6.67 13.41 -9.80
C VAL B 44 7.28 13.90 -8.51
N ALA B 45 7.23 13.05 -7.47
CA ALA B 45 7.86 13.34 -6.20
C ALA B 45 9.32 12.95 -6.35
N ALA B 46 10.24 13.75 -5.81
CA ALA B 46 11.67 13.48 -5.91
C ALA B 46 12.03 12.14 -5.31
N SER B 47 11.34 11.74 -4.23
CA SER B 47 11.62 10.47 -3.58
C SER B 47 11.28 9.29 -4.46
N ASP B 48 10.16 9.38 -5.17
CA ASP B 48 9.70 8.34 -6.06
C ASP B 48 10.66 8.16 -7.23
N LEU B 49 11.12 9.28 -7.81
CA LEU B 49 12.05 9.23 -8.92
C LEU B 49 13.39 8.65 -8.48
N ALA B 50 13.92 9.06 -7.30
CA ALA B 50 15.22 8.55 -6.81
C ALA B 50 15.17 7.08 -6.55
N TYR B 51 14.02 6.59 -6.01
CA TYR B 51 13.71 5.21 -5.70
C TYR B 51 13.68 4.41 -6.98
N THR B 52 12.97 4.89 -8.02
CA THR B 52 12.82 4.22 -9.31
C THR B 52 14.17 4.09 -10.01
N LEU B 53 14.99 5.14 -9.97
CA LEU B 53 16.27 5.10 -10.61
C LEU B 53 17.22 4.12 -9.96
N ALA B 54 17.11 3.92 -8.62
CA ALA B 54 18.01 3.07 -7.83
C ALA B 54 17.55 1.65 -7.66
N ARG B 55 16.25 1.46 -7.50
CA ARG B 55 15.64 0.16 -7.26
C ARG B 55 14.72 -0.37 -8.39
N GLY B 56 14.32 0.48 -9.32
CA GLY B 56 13.49 0.08 -10.45
C GLY B 56 14.26 -0.04 -11.76
N ARG B 57 15.60 0.13 -11.73
CA ARG B 57 16.42 0.05 -12.92
C ARG B 57 17.56 -0.91 -12.72
N ALA B 58 17.87 -1.66 -13.76
CA ALA B 58 18.97 -2.59 -13.76
C ALA B 58 20.18 -1.72 -14.02
N HIS B 59 21.12 -1.66 -13.07
CA HIS B 59 22.26 -0.79 -13.23
C HIS B 59 23.16 -1.30 -14.31
N ARG B 60 23.46 -0.42 -15.28
CA ARG B 60 24.32 -0.74 -16.40
C ARG B 60 25.80 -0.46 -16.00
N PRO B 61 26.77 -0.88 -16.81
CA PRO B 61 28.18 -0.78 -16.37
C PRO B 61 28.78 0.59 -16.21
N VAL B 62 28.42 1.59 -17.02
CA VAL B 62 28.97 2.93 -16.83
C VAL B 62 28.07 3.78 -15.93
N ARG B 63 28.48 4.02 -14.67
CA ARG B 63 27.60 4.70 -13.73
C ARG B 63 28.02 6.10 -13.26
N THR B 64 27.04 6.83 -12.74
CA THR B 64 27.15 8.12 -12.07
C THR B 64 25.89 8.37 -11.24
N ALA B 65 25.90 9.41 -10.41
CA ALA B 65 24.79 9.80 -9.54
C ALA B 65 24.82 11.30 -9.43
N VAL B 66 23.65 11.91 -9.38
CA VAL B 66 23.54 13.36 -9.28
C VAL B 66 22.88 13.65 -7.95
N VAL B 67 23.48 14.53 -7.14
CA VAL B 67 22.86 14.90 -5.86
C VAL B 67 21.97 16.14 -6.07
N ALA B 68 20.74 16.11 -5.53
CA ALA B 68 19.80 17.22 -5.66
C ALA B 68 18.73 17.14 -4.58
N ALA B 69 18.31 18.29 -4.03
CA ALA B 69 17.25 18.33 -3.01
C ALA B 69 15.86 18.48 -3.62
N ASN B 70 15.78 19.04 -4.85
CA ASN B 70 14.53 19.23 -5.58
C ASN B 70 14.68 18.90 -7.06
N LEU B 71 13.53 18.70 -7.74
CA LEU B 71 13.55 18.36 -9.16
C LEU B 71 14.22 19.43 -10.03
N PRO B 72 13.97 20.74 -9.85
CA PRO B 72 14.69 21.74 -10.67
C PRO B 72 16.22 21.67 -10.50
N GLU B 73 16.67 21.33 -9.27
CA GLU B 73 18.09 21.19 -8.97
C GLU B 73 18.66 20.01 -9.75
N LEU B 74 17.91 18.90 -9.83
CA LEU B 74 18.29 17.71 -10.56
C LEU B 74 18.37 17.99 -12.07
N VAL B 75 17.48 18.83 -12.62
CA VAL B 75 17.55 19.17 -14.05
C VAL B 75 18.86 19.93 -14.36
N GLU B 76 19.32 20.76 -13.43
CA GLU B 76 20.58 21.49 -13.59
C GLU B 76 21.75 20.49 -13.53
N GLY B 77 21.73 19.60 -12.54
CA GLY B 77 22.78 18.61 -12.36
C GLY B 77 22.88 17.64 -13.51
N LEU B 78 21.71 17.24 -14.07
CA LEU B 78 21.62 16.29 -15.18
C LEU B 78 22.14 16.92 -16.45
N ARG B 79 21.74 18.17 -16.69
CA ARG B 79 22.20 18.92 -17.85
C ARG B 79 23.68 19.24 -17.79
N GLU B 80 24.23 19.41 -16.58
CA GLU B 80 25.65 19.61 -16.35
C GLU B 80 26.43 18.36 -16.79
N VAL B 81 25.91 17.16 -16.45
CA VAL B 81 26.48 15.88 -16.84
C VAL B 81 26.44 15.76 -18.36
N ALA B 82 25.25 16.01 -18.96
CA ALA B 82 24.94 15.90 -20.37
C ALA B 82 25.78 16.83 -21.23
N ASP B 83 26.18 17.98 -20.67
CA ASP B 83 26.97 18.93 -21.42
C ASP B 83 28.50 18.71 -21.25
N GLY B 84 28.90 18.16 -20.12
CA GLY B 84 30.29 17.86 -19.77
C GLY B 84 31.11 17.04 -20.75
N ASP B 85 32.38 16.79 -20.36
CA ASP B 85 33.37 16.03 -21.15
C ASP B 85 34.12 15.06 -20.20
N ALA B 86 33.40 14.49 -19.23
CA ALA B 86 33.95 13.61 -18.24
C ALA B 86 34.08 12.18 -18.73
N LEU B 87 35.05 11.47 -18.16
CA LEU B 87 35.25 10.08 -18.47
C LEU B 87 34.71 9.26 -17.32
N TYR B 88 33.67 8.48 -17.59
CA TYR B 88 33.06 7.66 -16.56
C TYR B 88 33.59 6.24 -16.66
N ASP B 89 34.38 5.83 -15.69
CA ASP B 89 34.92 4.46 -15.66
C ASP B 89 33.76 3.45 -15.43
N ALA B 90 33.91 2.21 -15.94
CA ALA B 90 32.87 1.21 -15.78
C ALA B 90 33.01 0.42 -14.47
N ALA B 91 31.89 -0.11 -13.96
CA ALA B 91 31.86 -0.91 -12.75
C ALA B 91 32.67 -2.20 -12.94
N VAL B 92 33.42 -2.62 -11.91
CA VAL B 92 34.16 -3.88 -11.91
C VAL B 92 33.38 -5.02 -11.23
N GLY B 93 32.42 -4.66 -10.38
CA GLY B 93 31.58 -5.64 -9.72
C GLY B 93 30.23 -5.75 -10.39
N HIS B 94 29.54 -6.89 -10.16
CA HIS B 94 28.24 -7.14 -10.74
C HIS B 94 27.09 -6.99 -9.75
N GLY B 95 27.30 -6.22 -8.67
CA GLY B 95 26.27 -6.00 -7.65
C GLY B 95 25.83 -7.26 -6.91
N ASP B 96 26.65 -8.33 -6.99
CA ASP B 96 26.38 -9.60 -6.33
C ASP B 96 27.09 -9.73 -4.98
N ARG B 97 28.29 -9.15 -4.85
CA ARG B 97 29.07 -9.18 -3.61
C ARG B 97 29.25 -7.80 -3.02
N GLY B 98 29.19 -7.70 -1.68
CA GLY B 98 29.46 -6.45 -0.98
C GLY B 98 30.93 -6.09 -1.12
N PRO B 99 31.31 -4.90 -0.64
CA PRO B 99 32.74 -4.50 -0.74
C PRO B 99 33.63 -5.27 0.24
N VAL B 100 34.92 -5.33 -0.03
CA VAL B 100 35.86 -5.93 0.89
C VAL B 100 36.45 -4.77 1.62
N TRP B 101 36.20 -4.62 2.94
CA TRP B 101 36.81 -3.52 3.66
C TRP B 101 38.28 -3.89 3.95
N VAL B 102 39.21 -2.96 3.60
CA VAL B 102 40.64 -3.12 3.85
C VAL B 102 41.02 -2.21 5.01
N PHE B 103 41.60 -2.80 6.05
CA PHE B 103 42.02 -2.07 7.24
C PHE B 103 43.55 -2.12 7.28
N SER B 104 44.20 -1.04 6.90
CA SER B 104 45.65 -0.94 6.85
C SER B 104 46.30 -0.78 8.26
N GLY B 105 47.64 -0.72 8.33
CA GLY B 105 48.38 -0.59 9.57
C GLY B 105 48.61 0.86 9.99
N GLN B 106 49.73 1.10 10.69
CA GLN B 106 50.13 2.44 11.15
C GLN B 106 50.60 3.30 9.97
N GLY B 107 50.67 4.61 10.17
CA GLY B 107 51.22 5.50 9.16
C GLY B 107 50.22 6.33 8.39
N SER B 108 48.94 5.98 8.49
CA SER B 108 47.85 6.70 7.81
C SER B 108 47.42 7.97 8.55
N GLN B 109 47.77 8.08 9.84
CA GLN B 109 47.42 9.21 10.69
C GLN B 109 47.88 10.55 10.14
N TRP B 110 47.05 11.59 10.42
CA TRP B 110 47.28 12.99 10.06
C TRP B 110 46.58 13.92 11.07
N ALA B 111 47.09 15.16 11.16
CA ALA B 111 46.58 16.10 12.13
C ALA B 111 45.11 16.47 11.92
N ALA B 112 44.27 16.29 12.98
CA ALA B 112 42.83 16.59 13.01
C ALA B 112 42.03 15.74 11.99
N MET B 113 42.50 14.48 11.81
CA MET B 113 41.90 13.52 10.90
C MET B 113 40.41 13.19 11.20
N GLY B 114 40.01 13.27 12.45
CA GLY B 114 38.63 12.95 12.84
C GLY B 114 37.70 14.11 12.96
N THR B 115 38.20 15.35 12.85
CA THR B 115 37.38 16.54 13.04
C THR B 115 36.12 16.67 12.15
N GLN B 116 36.28 16.54 10.81
CA GLN B 116 35.12 16.69 9.92
C GLN B 116 34.12 15.58 10.04
N LEU B 117 34.57 14.36 10.28
CA LEU B 117 33.66 13.24 10.41
C LEU B 117 32.93 13.26 11.75
N LEU B 118 33.58 13.76 12.81
CA LEU B 118 32.89 13.93 14.10
C LEU B 118 31.72 14.93 13.94
N ALA B 119 31.87 15.92 13.07
CA ALA B 119 30.83 16.89 12.83
C ALA B 119 29.75 16.41 11.83
N SER B 120 30.19 15.77 10.72
CA SER B 120 29.25 15.41 9.67
C SER B 120 28.58 14.04 9.78
N GLU B 121 29.19 13.11 10.52
CA GLU B 121 28.63 11.78 10.67
C GLU B 121 28.29 11.43 12.14
N PRO B 122 27.02 11.45 12.53
CA PRO B 122 26.66 11.19 13.92
C PRO B 122 27.06 9.79 14.38
N VAL B 123 27.05 8.80 13.47
CA VAL B 123 27.44 7.44 13.83
C VAL B 123 28.96 7.38 14.06
N PHE B 124 29.74 8.22 13.38
CA PHE B 124 31.18 8.29 13.60
C PHE B 124 31.41 8.84 14.99
N ALA B 125 30.71 9.90 15.35
CA ALA B 125 30.79 10.54 16.66
C ALA B 125 30.39 9.61 17.80
N ALA B 126 29.29 8.85 17.59
CA ALA B 126 28.78 7.88 18.58
C ALA B 126 29.81 6.75 18.81
N THR B 127 30.45 6.26 17.73
CA THR B 127 31.44 5.19 17.83
C THR B 127 32.65 5.68 18.57
N ILE B 128 33.16 6.88 18.23
CA ILE B 128 34.33 7.46 18.91
C ILE B 128 34.04 7.68 20.38
N ALA B 129 32.77 8.05 20.70
CA ALA B 129 32.29 8.29 22.07
C ALA B 129 32.36 7.01 22.91
N LYS B 130 31.98 5.84 22.30
CA LYS B 130 32.00 4.52 22.92
C LYS B 130 33.43 4.17 23.28
N LEU B 131 34.36 4.37 22.32
CA LEU B 131 35.77 4.06 22.48
C LEU B 131 36.46 4.96 23.46
N GLU B 132 36.06 6.22 23.56
CA GLU B 132 36.71 7.19 24.43
C GLU B 132 37.05 6.69 25.87
N PRO B 133 36.07 6.20 26.69
CA PRO B 133 36.42 5.73 28.04
C PRO B 133 37.25 4.45 28.07
N VAL B 134 37.16 3.62 27.02
CA VAL B 134 37.90 2.37 26.95
C VAL B 134 39.37 2.67 26.71
N ILE B 135 39.67 3.51 25.72
CA ILE B 135 41.04 3.91 25.42
C ILE B 135 41.61 4.76 26.56
N ALA B 136 40.76 5.57 27.22
CA ALA B 136 41.20 6.37 28.35
C ALA B 136 41.67 5.45 29.50
N ALA B 137 40.87 4.39 29.83
CA ALA B 137 41.21 3.45 30.89
C ALA B 137 42.44 2.58 30.51
N GLU B 138 42.51 2.14 29.25
CA GLU B 138 43.59 1.28 28.80
C GLU B 138 44.94 1.98 28.53
N SER B 139 44.93 3.08 27.76
CA SER B 139 46.15 3.78 27.34
C SER B 139 46.40 5.13 28.03
N GLY B 140 45.43 5.64 28.78
CA GLY B 140 45.57 6.87 29.53
C GLY B 140 45.56 8.15 28.73
N PHE B 141 44.74 8.21 27.67
CA PHE B 141 44.64 9.40 26.85
C PHE B 141 43.27 9.55 26.19
N SER B 142 42.96 10.78 25.77
CA SER B 142 41.72 11.03 25.07
C SER B 142 41.90 10.77 23.61
N VAL B 143 41.20 9.76 23.06
CA VAL B 143 41.26 9.49 21.64
C VAL B 143 40.60 10.63 20.84
N THR B 144 39.57 11.30 21.39
CA THR B 144 38.90 12.42 20.73
C THR B 144 39.83 13.63 20.65
N GLU B 145 40.58 13.91 21.73
CA GLU B 145 41.56 15.00 21.74
C GLU B 145 42.66 14.67 20.71
N ALA B 146 43.14 13.41 20.69
CA ALA B 146 44.19 12.95 19.76
C ALA B 146 43.82 13.09 18.27
N ILE B 147 42.58 12.70 17.88
CA ILE B 147 42.14 12.76 16.47
C ILE B 147 41.66 14.14 16.03
N THR B 148 41.58 15.12 16.94
CA THR B 148 41.16 16.49 16.60
C THR B 148 42.26 17.55 16.89
N ALA B 149 43.41 17.12 17.48
CA ALA B 149 44.55 17.99 17.82
C ALA B 149 45.19 18.58 16.58
N GLN B 150 45.84 19.76 16.72
CA GLN B 150 46.51 20.43 15.62
C GLN B 150 47.79 19.72 15.15
N GLN B 151 48.31 18.81 15.96
CA GLN B 151 49.52 18.05 15.68
C GLN B 151 49.11 16.58 15.51
N THR B 152 49.72 15.89 14.53
CA THR B 152 49.40 14.49 14.27
C THR B 152 49.78 13.62 15.49
N VAL B 153 48.96 12.58 15.79
CA VAL B 153 49.19 11.65 16.90
C VAL B 153 50.57 10.96 16.71
N THR B 154 51.39 10.83 17.78
CA THR B 154 52.76 10.37 17.55
C THR B 154 53.31 9.02 18.16
N GLY B 155 53.17 8.74 19.48
CA GLY B 155 53.76 7.51 20.05
C GLY B 155 53.03 6.25 19.66
N ILE B 156 53.69 5.08 19.56
CA ILE B 156 53.01 3.83 19.17
C ILE B 156 51.78 3.52 20.02
N ASP B 157 51.85 3.82 21.33
CA ASP B 157 50.76 3.63 22.28
C ASP B 157 49.56 4.55 22.04
N LYS B 158 49.73 5.63 21.27
CA LYS B 158 48.67 6.58 20.93
C LYS B 158 48.25 6.39 19.48
N VAL B 159 49.20 6.18 18.57
CA VAL B 159 48.91 5.99 17.16
C VAL B 159 47.98 4.82 16.90
N GLN B 160 48.33 3.62 17.40
CA GLN B 160 47.50 2.43 17.14
C GLN B 160 46.04 2.59 17.64
N PRO B 161 45.77 3.00 18.89
CA PRO B 161 44.36 3.22 19.30
C PRO B 161 43.64 4.29 18.49
N ALA B 162 44.35 5.39 18.10
CA ALA B 162 43.72 6.48 17.33
C ALA B 162 43.34 6.02 15.90
N VAL B 163 44.27 5.31 15.22
CA VAL B 163 44.03 4.84 13.88
C VAL B 163 42.90 3.79 13.89
N PHE B 164 42.93 2.88 14.90
CA PHE B 164 41.91 1.85 15.06
C PHE B 164 40.54 2.51 15.25
N ALA B 165 40.47 3.53 16.11
CA ALA B 165 39.24 4.26 16.38
C ALA B 165 38.64 4.88 15.09
N VAL B 166 39.50 5.49 14.23
CA VAL B 166 39.01 6.03 12.95
C VAL B 166 38.50 4.89 12.06
N GLN B 167 39.25 3.78 11.97
CA GLN B 167 38.87 2.62 11.17
C GLN B 167 37.52 2.05 11.51
N VAL B 168 37.27 1.77 12.81
CA VAL B 168 35.99 1.20 13.23
C VAL B 168 34.85 2.22 13.16
N ALA B 169 35.13 3.53 13.35
CA ALA B 169 34.07 4.51 13.25
C ALA B 169 33.64 4.67 11.79
N LEU B 170 34.57 4.51 10.83
CA LEU B 170 34.28 4.59 9.40
C LEU B 170 33.36 3.42 9.04
N ALA B 171 33.72 2.17 9.48
CA ALA B 171 32.91 1.00 9.18
C ALA B 171 31.50 1.06 9.79
N ALA B 172 31.37 1.61 11.03
CA ALA B 172 30.07 1.73 11.70
C ALA B 172 29.21 2.71 10.94
N THR B 173 29.81 3.85 10.47
CA THR B 173 29.06 4.84 9.69
C THR B 173 28.56 4.21 8.38
N MET B 174 29.44 3.48 7.68
CA MET B 174 29.05 2.87 6.42
C MET B 174 27.92 1.89 6.57
N GLU B 175 27.89 1.16 7.67
CA GLU B 175 26.87 0.15 7.89
C GLU B 175 25.56 0.76 8.44
N GLN B 176 25.63 1.48 9.55
CA GLN B 176 24.46 2.05 10.17
C GLN B 176 23.85 3.20 9.38
N THR B 177 24.64 4.18 8.93
CA THR B 177 24.12 5.32 8.21
C THR B 177 23.87 5.03 6.71
N TYR B 178 24.77 4.31 6.01
CA TYR B 178 24.59 4.11 4.57
C TYR B 178 24.09 2.73 4.19
N GLY B 179 23.86 1.84 5.19
CA GLY B 179 23.41 0.50 4.93
C GLY B 179 24.31 -0.29 3.98
N VAL B 180 25.65 -0.18 4.21
CA VAL B 180 26.68 -0.92 3.48
C VAL B 180 27.30 -1.97 4.42
N ARG B 181 26.81 -3.22 4.29
CA ARG B 181 27.33 -4.36 4.98
C ARG B 181 28.47 -4.94 4.04
N PRO B 182 29.67 -5.13 4.63
CA PRO B 182 30.79 -5.65 3.85
C PRO B 182 30.59 -7.06 3.37
N GLY B 183 31.12 -7.39 2.21
CA GLY B 183 31.10 -8.74 1.68
C GLY B 183 32.16 -9.61 2.34
N ALA B 184 33.30 -8.99 2.76
CA ALA B 184 34.44 -9.60 3.42
C ALA B 184 35.29 -8.51 4.09
N VAL B 185 36.22 -8.87 4.99
CA VAL B 185 37.18 -7.94 5.61
C VAL B 185 38.61 -8.47 5.43
N VAL B 186 39.57 -7.58 5.26
CA VAL B 186 41.00 -7.92 5.18
C VAL B 186 41.77 -6.88 6.00
N GLY B 187 42.58 -7.36 6.96
CA GLY B 187 43.36 -6.48 7.82
C GLY B 187 44.85 -6.68 7.59
N HIS B 188 45.64 -5.63 7.82
CA HIS B 188 47.08 -5.64 7.67
C HIS B 188 47.65 -5.23 9.03
N SER B 189 48.35 -6.17 9.73
CA SER B 189 49.01 -5.93 11.03
C SER B 189 47.99 -5.36 12.06
N MET B 190 48.12 -4.08 12.56
CA MET B 190 47.17 -3.50 13.52
C MET B 190 45.76 -3.36 12.94
N GLY B 191 45.65 -3.30 11.61
CA GLY B 191 44.36 -3.23 10.93
C GLY B 191 43.48 -4.42 11.25
N GLU B 192 44.08 -5.56 11.62
CA GLU B 192 43.33 -6.75 11.97
C GLU B 192 42.46 -6.57 13.21
N SER B 193 42.75 -5.60 14.10
CA SER B 193 41.84 -5.38 15.27
C SER B 193 40.52 -4.81 14.78
N ALA B 194 40.57 -3.82 13.87
CA ALA B 194 39.35 -3.26 13.34
C ALA B 194 38.63 -4.29 12.48
N ALA B 195 39.36 -5.13 11.72
CA ALA B 195 38.77 -6.16 10.90
C ALA B 195 38.01 -7.16 11.80
N ALA B 196 38.57 -7.51 12.97
CA ALA B 196 37.94 -8.45 13.91
C ALA B 196 36.62 -7.90 14.49
N VAL B 197 36.54 -6.57 14.77
CA VAL B 197 35.30 -5.95 15.26
C VAL B 197 34.24 -6.01 14.15
N VAL B 198 34.59 -5.54 12.92
CA VAL B 198 33.71 -5.49 11.77
C VAL B 198 33.25 -6.88 11.35
N ALA B 199 34.09 -7.91 11.48
CA ALA B 199 33.69 -9.28 11.13
C ALA B 199 32.94 -10.01 12.22
N GLY B 200 32.81 -9.41 13.41
CA GLY B 200 32.08 -10.02 14.50
C GLY B 200 32.85 -11.07 15.30
N ALA B 201 34.20 -11.10 15.11
CA ALA B 201 35.13 -12.00 15.79
C ALA B 201 35.47 -11.51 17.20
N LEU B 202 35.38 -10.18 17.43
CA LEU B 202 35.59 -9.53 18.72
C LEU B 202 34.56 -8.41 18.92
N SER B 203 34.30 -8.05 20.19
CA SER B 203 33.43 -6.91 20.50
C SER B 203 34.28 -5.65 20.32
N LEU B 204 33.66 -4.49 20.10
CA LEU B 204 34.38 -3.22 19.94
C LEU B 204 35.39 -2.97 21.08
N GLU B 205 34.94 -3.28 22.31
CA GLU B 205 35.68 -3.11 23.56
C GLU B 205 36.87 -4.06 23.66
N ASP B 206 36.68 -5.34 23.32
CA ASP B 206 37.76 -6.31 23.36
C ASP B 206 38.79 -5.98 22.30
N ALA B 207 38.36 -5.55 21.10
CA ALA B 207 39.29 -5.18 20.05
C ALA B 207 40.07 -3.91 20.42
N ALA B 208 39.45 -3.00 21.17
CA ALA B 208 40.11 -1.80 21.66
C ALA B 208 41.19 -2.21 22.69
N ARG B 209 40.84 -3.17 23.59
CA ARG B 209 41.74 -3.69 24.61
C ARG B 209 42.94 -4.37 23.96
N VAL B 210 42.72 -5.08 22.84
CA VAL B 210 43.81 -5.75 22.10
C VAL B 210 44.77 -4.70 21.57
N ILE B 211 44.28 -3.70 20.80
CA ILE B 211 45.12 -2.66 20.20
C ILE B 211 45.82 -1.75 21.27
N CYS B 212 45.14 -1.50 22.41
CA CYS B 212 45.69 -0.66 23.48
C CYS B 212 46.82 -1.35 24.20
N ARG B 213 46.61 -2.64 24.54
CA ARG B 213 47.57 -3.44 25.28
C ARG B 213 48.79 -3.81 24.42
N ARG B 214 48.57 -4.14 23.14
CA ARG B 214 49.56 -4.47 22.12
C ARG B 214 50.57 -3.30 22.03
N SER B 215 50.05 -2.08 21.82
CA SER B 215 50.84 -0.87 21.65
C SER B 215 51.56 -0.42 22.90
N LYS B 216 50.98 -0.69 24.08
CA LYS B 216 51.63 -0.34 25.34
C LYS B 216 52.86 -1.24 25.53
N LEU B 217 52.70 -2.55 25.25
CA LEU B 217 53.81 -3.48 25.39
C LEU B 217 54.91 -3.19 24.38
N MET B 218 54.56 -2.72 23.17
CA MET B 218 55.57 -2.42 22.15
C MET B 218 56.49 -1.27 22.51
N THR B 219 56.04 -0.36 23.38
CA THR B 219 56.89 0.74 23.82
C THR B 219 58.11 0.23 24.61
N ARG B 220 57.97 -0.92 25.29
CA ARG B 220 59.07 -1.53 26.06
C ARG B 220 60.27 -1.93 25.20
N ILE B 221 60.01 -2.31 23.95
CA ILE B 221 61.07 -2.73 23.05
C ILE B 221 61.40 -1.72 21.95
N ALA B 222 61.07 -0.42 22.16
CA ALA B 222 61.37 0.59 21.15
C ALA B 222 62.89 0.78 21.02
N GLY B 223 63.37 0.70 19.78
CA GLY B 223 64.78 0.80 19.42
C GLY B 223 65.45 -0.51 19.08
N ALA B 224 64.79 -1.64 19.42
CA ALA B 224 65.37 -2.95 19.14
C ALA B 224 65.21 -3.30 17.67
N GLY B 225 66.31 -3.58 16.99
CA GLY B 225 66.31 -3.99 15.59
C GLY B 225 66.02 -2.94 14.53
N ALA B 226 65.95 -3.39 13.27
CA ALA B 226 65.71 -2.53 12.13
C ALA B 226 64.86 -3.25 11.04
N MET B 227 64.28 -2.49 10.10
CA MET B 227 63.52 -3.07 9.00
C MET B 227 63.97 -2.51 7.65
N GLY B 228 63.69 -3.24 6.58
CA GLY B 228 64.10 -2.81 5.25
C GLY B 228 63.20 -3.29 4.16
N SER B 229 63.01 -2.50 3.13
CA SER B 229 62.21 -2.88 1.99
C SER B 229 63.17 -3.32 0.87
N VAL B 230 62.78 -4.33 0.11
CA VAL B 230 63.57 -4.80 -1.02
C VAL B 230 62.63 -5.06 -2.17
N GLU B 231 63.02 -4.63 -3.37
CA GLU B 231 62.20 -4.83 -4.54
C GLU B 231 62.45 -6.21 -5.15
N LEU B 232 62.05 -7.25 -4.37
CA LEU B 232 62.17 -8.67 -4.68
C LEU B 232 60.93 -9.36 -4.09
N PRO B 233 60.40 -10.39 -4.77
CA PRO B 233 59.24 -11.11 -4.22
C PRO B 233 59.67 -11.91 -2.98
N ALA B 234 58.73 -12.10 -2.04
CA ALA B 234 59.02 -12.77 -0.77
C ALA B 234 59.60 -14.17 -0.88
N LYS B 235 59.15 -14.98 -1.87
CA LYS B 235 59.72 -16.34 -2.01
C LYS B 235 61.19 -16.29 -2.30
N GLN B 236 61.62 -15.28 -3.08
CA GLN B 236 63.01 -15.07 -3.44
C GLN B 236 63.80 -14.59 -2.23
N VAL B 237 63.24 -13.64 -1.45
CA VAL B 237 63.91 -13.11 -0.26
C VAL B 237 64.12 -14.19 0.78
N ASN B 238 63.08 -14.99 1.08
CA ASN B 238 63.24 -16.00 2.11
C ASN B 238 64.19 -17.12 1.62
N SER B 239 64.31 -17.36 0.29
CA SER B 239 65.27 -18.33 -0.23
C SER B 239 66.68 -17.88 0.07
N GLU B 240 66.96 -16.57 -0.11
CA GLU B 240 68.26 -15.97 0.14
C GLU B 240 68.66 -16.06 1.61
N LEU B 241 67.71 -15.78 2.50
CA LEU B 241 67.94 -15.84 3.94
C LEU B 241 68.26 -17.28 4.41
N MET B 242 67.48 -18.27 3.97
CA MET B 242 67.71 -19.66 4.33
C MET B 242 69.03 -20.13 3.76
N ALA B 243 69.29 -19.82 2.48
CA ALA B 243 70.52 -20.21 1.84
C ALA B 243 71.74 -19.57 2.49
N ARG B 244 71.65 -18.32 3.02
CA ARG B 244 72.83 -17.72 3.68
C ARG B 244 72.98 -18.13 5.18
N GLY B 245 72.00 -18.89 5.70
CA GLY B 245 72.01 -19.34 7.09
C GLY B 245 71.66 -18.22 8.05
N ILE B 246 70.80 -17.28 7.62
CA ILE B 246 70.41 -16.13 8.43
C ILE B 246 69.13 -16.42 9.21
N ASP B 247 69.20 -16.46 10.56
CA ASP B 247 68.02 -16.73 11.40
C ASP B 247 67.53 -15.55 12.22
N ASP B 248 68.32 -14.46 12.25
CA ASP B 248 68.03 -13.24 13.01
C ASP B 248 67.27 -12.15 12.23
N VAL B 249 67.13 -12.34 10.91
CA VAL B 249 66.39 -11.47 10.02
C VAL B 249 65.45 -12.37 9.23
N VAL B 250 64.17 -11.99 9.14
CA VAL B 250 63.14 -12.76 8.44
C VAL B 250 62.25 -11.85 7.57
N VAL B 251 61.40 -12.46 6.70
CA VAL B 251 60.43 -11.69 5.92
C VAL B 251 59.35 -11.26 6.93
N SER B 252 59.16 -9.95 7.08
CA SER B 252 58.23 -9.39 8.03
C SER B 252 56.86 -9.06 7.42
N VAL B 253 56.88 -8.41 6.26
CA VAL B 253 55.65 -7.97 5.61
C VAL B 253 55.67 -8.32 4.12
N VAL B 254 54.58 -8.84 3.60
CA VAL B 254 54.46 -9.11 2.19
C VAL B 254 53.08 -8.59 1.70
N ALA B 255 52.99 -7.26 1.38
CA ALA B 255 51.72 -6.67 0.96
C ALA B 255 51.48 -6.67 -0.54
N SER B 256 52.52 -6.44 -1.32
CA SER B 256 52.39 -6.49 -2.78
C SER B 256 53.41 -7.47 -3.35
N PRO B 257 53.19 -8.01 -4.57
CA PRO B 257 54.05 -9.12 -5.01
C PRO B 257 55.55 -8.82 -5.21
N GLN B 258 55.86 -7.72 -5.88
CA GLN B 258 57.22 -7.37 -6.22
C GLN B 258 58.07 -6.80 -5.09
N SER B 259 57.47 -6.47 -3.95
CA SER B 259 58.18 -5.89 -2.84
C SER B 259 57.99 -6.68 -1.53
N THR B 260 59.03 -6.71 -0.72
CA THR B 260 59.04 -7.43 0.53
C THR B 260 59.71 -6.60 1.61
N VAL B 261 59.25 -6.69 2.86
CA VAL B 261 59.88 -6.00 3.96
C VAL B 261 60.49 -7.02 4.89
N ILE B 262 61.80 -6.91 5.18
CA ILE B 262 62.52 -7.77 6.10
C ILE B 262 62.67 -7.07 7.45
N GLY B 263 62.79 -7.86 8.51
CA GLY B 263 62.96 -7.33 9.84
C GLY B 263 63.81 -8.24 10.69
N GLY B 264 64.58 -7.64 11.59
CA GLY B 264 65.47 -8.37 12.47
C GLY B 264 66.53 -7.49 13.09
N THR B 265 67.68 -8.09 13.44
CA THR B 265 68.78 -7.35 14.06
C THR B 265 69.30 -6.21 13.16
N SER B 266 69.61 -5.05 13.75
CA SER B 266 70.04 -3.84 13.03
C SER B 266 71.20 -4.06 12.07
N ASP B 267 72.23 -4.79 12.50
CA ASP B 267 73.42 -5.05 11.69
C ASP B 267 73.17 -5.92 10.44
N THR B 268 72.52 -7.08 10.61
CA THR B 268 72.24 -8.00 9.51
C THR B 268 71.29 -7.40 8.49
N VAL B 269 70.33 -6.57 8.95
CA VAL B 269 69.41 -5.89 8.04
C VAL B 269 70.22 -4.92 7.18
N ARG B 270 71.15 -4.16 7.80
CA ARG B 270 71.98 -3.20 7.10
C ARG B 270 72.92 -3.85 6.10
N ASP B 271 73.50 -4.99 6.48
CA ASP B 271 74.38 -5.72 5.59
C ASP B 271 73.58 -6.26 4.39
N LEU B 272 72.37 -6.81 4.64
CA LEU B 272 71.53 -7.39 3.57
C LEU B 272 71.12 -6.31 2.57
N ILE B 273 70.82 -5.09 3.04
CA ILE B 273 70.44 -4.00 2.15
C ILE B 273 71.65 -3.56 1.31
N ALA B 274 72.83 -3.46 1.93
CA ALA B 274 74.03 -3.08 1.20
C ALA B 274 74.45 -4.15 0.17
N ARG B 275 74.15 -5.43 0.45
CA ARG B 275 74.47 -6.54 -0.45
C ARG B 275 73.48 -6.62 -1.62
N TRP B 276 72.20 -6.25 -1.41
CA TRP B 276 71.23 -6.23 -2.49
C TRP B 276 71.56 -5.10 -3.43
N GLU B 277 71.96 -3.92 -2.89
CA GLU B 277 72.25 -2.76 -3.74
C GLU B 277 73.52 -2.99 -4.59
N GLN B 278 74.48 -3.76 -4.07
CA GLN B 278 75.66 -4.09 -4.85
C GLN B 278 75.32 -4.96 -6.10
N ARG B 279 74.22 -5.73 -6.00
CA ARG B 279 73.69 -6.56 -7.09
C ARG B 279 72.64 -5.80 -7.94
N ASP B 280 72.62 -4.46 -7.81
CA ASP B 280 71.72 -3.53 -8.48
C ASP B 280 70.25 -3.90 -8.23
N VAL B 281 69.95 -4.33 -6.99
CA VAL B 281 68.60 -4.63 -6.51
C VAL B 281 68.25 -3.50 -5.55
N MET B 282 67.20 -2.77 -5.86
CA MET B 282 66.85 -1.65 -5.03
C MET B 282 66.38 -2.10 -3.64
N ALA B 283 67.09 -1.64 -2.64
CA ALA B 283 66.79 -1.95 -1.25
C ALA B 283 67.07 -0.72 -0.38
N ARG B 284 66.31 -0.57 0.70
CA ARG B 284 66.47 0.57 1.59
C ARG B 284 65.99 0.31 2.99
N GLU B 285 66.56 1.01 3.99
CA GLU B 285 66.12 0.85 5.36
C GLU B 285 64.78 1.60 5.59
N VAL B 286 63.90 1.02 6.38
CA VAL B 286 62.62 1.61 6.72
C VAL B 286 62.69 2.17 8.13
N ALA B 287 62.12 3.38 8.32
CA ALA B 287 62.07 4.13 9.58
C ALA B 287 61.08 3.46 10.54
N VAL B 288 61.59 2.62 11.44
CA VAL B 288 60.71 1.90 12.34
C VAL B 288 61.21 1.94 13.80
N ASP B 289 60.26 2.13 14.77
CA ASP B 289 60.51 2.20 16.22
C ASP B 289 60.98 0.83 16.73
N VAL B 290 60.21 -0.24 16.40
CA VAL B 290 60.53 -1.64 16.75
C VAL B 290 60.44 -2.51 15.47
N ALA B 291 61.34 -3.50 15.30
CA ALA B 291 61.25 -4.39 14.13
C ALA B 291 60.14 -5.43 14.41
N PHE B 292 58.89 -5.15 13.98
CA PHE B 292 57.75 -6.06 14.21
C PHE B 292 57.77 -7.25 13.26
N HIS B 293 57.03 -8.32 13.57
CA HIS B 293 56.96 -9.50 12.72
C HIS B 293 58.35 -10.11 12.44
N SER B 294 59.22 -10.02 13.45
CA SER B 294 60.60 -10.50 13.51
C SER B 294 60.88 -10.99 14.96
N PRO B 295 62.00 -11.70 15.21
CA PRO B 295 62.28 -12.15 16.58
C PRO B 295 62.46 -11.02 17.59
N GLN B 296 62.53 -9.75 17.14
CA GLN B 296 62.68 -8.61 18.07
C GLN B 296 61.49 -8.45 19.01
N VAL B 297 60.31 -8.91 18.58
CA VAL B 297 59.11 -8.83 19.41
C VAL B 297 58.97 -10.00 20.38
N ASP B 298 59.87 -11.03 20.31
CA ASP B 298 59.82 -12.23 21.16
C ASP B 298 59.73 -11.91 22.68
N PRO B 299 60.51 -10.97 23.26
CA PRO B 299 60.40 -10.74 24.71
C PRO B 299 58.98 -10.39 25.23
N ILE B 300 58.26 -9.58 24.48
CA ILE B 300 56.95 -9.12 24.90
C ILE B 300 55.78 -10.09 24.61
N LEU B 301 56.02 -11.22 23.93
CA LEU B 301 54.94 -12.14 23.56
C LEU B 301 54.30 -12.91 24.74
N ASP B 302 55.07 -13.25 25.79
CA ASP B 302 54.50 -13.94 26.94
C ASP B 302 53.54 -12.97 27.68
N ASP B 303 53.96 -11.70 27.83
CA ASP B 303 53.20 -10.63 28.49
C ASP B 303 51.95 -10.30 27.74
N LEU B 304 52.00 -10.31 26.41
CA LEU B 304 50.84 -10.02 25.58
C LEU B 304 49.80 -11.10 25.74
N ALA B 305 50.24 -12.37 25.71
CA ALA B 305 49.35 -13.53 25.86
C ALA B 305 48.57 -13.44 27.16
N ALA B 306 49.26 -13.01 28.25
CA ALA B 306 48.73 -12.85 29.59
C ALA B 306 47.73 -11.70 29.64
N ALA B 307 48.03 -10.57 28.98
CA ALA B 307 47.15 -9.41 28.93
C ALA B 307 45.85 -9.72 28.20
N LEU B 308 45.94 -10.54 27.14
CA LEU B 308 44.78 -10.89 26.31
C LEU B 308 44.10 -12.23 26.66
N ALA B 309 44.42 -12.77 27.85
CA ALA B 309 43.81 -14.01 28.31
C ALA B 309 42.30 -13.90 28.51
N ASP B 310 41.78 -12.68 28.73
CA ASP B 310 40.35 -12.49 29.00
C ASP B 310 39.52 -12.08 27.80
N ILE B 311 40.17 -11.77 26.67
CA ILE B 311 39.55 -11.42 25.39
C ILE B 311 38.61 -12.56 24.97
N ALA B 312 37.35 -12.25 24.66
CA ALA B 312 36.37 -13.28 24.30
C ALA B 312 36.14 -13.37 22.81
N PRO B 313 36.82 -14.31 22.10
CA PRO B 313 36.61 -14.41 20.66
C PRO B 313 35.28 -15.04 20.29
N MET B 314 34.81 -14.73 19.09
CA MET B 314 33.57 -15.21 18.55
C MET B 314 33.77 -15.67 17.09
N THR B 315 32.86 -16.49 16.58
CA THR B 315 32.93 -16.98 15.23
C THR B 315 32.61 -15.85 14.28
N PRO B 316 33.49 -15.51 13.31
CA PRO B 316 33.20 -14.40 12.42
C PRO B 316 31.93 -14.60 11.63
N LYS B 317 31.13 -13.54 11.57
CA LYS B 317 29.88 -13.47 10.83
C LYS B 317 30.10 -13.13 9.31
N VAL B 318 31.26 -12.56 8.96
CA VAL B 318 31.61 -12.13 7.61
C VAL B 318 32.91 -12.83 7.20
N PRO B 319 33.12 -13.17 5.88
CA PRO B 319 34.41 -13.75 5.46
C PRO B 319 35.59 -12.86 5.87
N TYR B 320 36.55 -13.45 6.61
CA TYR B 320 37.71 -12.76 7.15
C TYR B 320 38.92 -13.39 6.51
N TYR B 321 39.62 -12.57 5.70
CA TYR B 321 40.83 -13.01 5.02
C TYR B 321 42.02 -12.68 5.90
N SER B 322 42.49 -13.68 6.64
CA SER B 322 43.56 -13.50 7.59
C SER B 322 44.95 -13.33 6.98
N ALA B 323 45.64 -12.27 7.41
CA ALA B 323 47.02 -12.01 7.06
C ALA B 323 48.01 -12.67 8.11
N THR B 324 47.49 -13.39 9.14
CA THR B 324 48.20 -14.02 10.25
C THR B 324 48.25 -15.54 10.04
N LEU B 325 47.07 -16.13 9.70
CA LEU B 325 46.91 -17.56 9.48
C LEU B 325 47.63 -18.04 8.23
N PHE B 326 47.94 -19.35 8.25
CA PHE B 326 48.60 -20.09 7.19
C PHE B 326 47.74 -20.06 5.92
N ASP B 327 46.42 -20.22 6.11
CA ASP B 327 45.41 -20.22 5.07
C ASP B 327 44.57 -18.99 5.30
N PRO B 328 44.62 -17.98 4.38
CA PRO B 328 43.81 -16.77 4.60
C PRO B 328 42.30 -17.04 4.56
N ARG B 329 41.90 -18.10 3.84
CA ARG B 329 40.51 -18.48 3.76
C ARG B 329 39.98 -19.03 5.09
N GLU B 330 40.84 -19.62 5.92
CA GLU B 330 40.48 -20.11 7.25
C GLU B 330 39.92 -18.95 8.11
N GLN B 331 38.94 -19.26 8.97
CA GLN B 331 38.32 -18.24 9.80
C GLN B 331 38.93 -18.18 11.19
N PRO B 332 39.46 -17.01 11.56
CA PRO B 332 40.19 -16.89 12.82
C PRO B 332 39.43 -17.10 14.11
N VAL B 333 40.16 -17.64 15.11
CA VAL B 333 39.71 -17.71 16.49
C VAL B 333 40.59 -16.66 17.14
N CYS B 334 40.02 -15.44 17.29
CA CYS B 334 40.72 -14.25 17.72
C CYS B 334 40.98 -14.18 19.20
N ASP B 335 41.58 -15.26 19.75
CA ASP B 335 42.03 -15.37 21.13
C ASP B 335 43.42 -14.67 21.29
N GLY B 336 43.93 -14.60 22.50
CA GLY B 336 45.24 -13.99 22.75
C GLY B 336 46.37 -14.60 21.92
N ALA B 337 46.32 -15.94 21.69
CA ALA B 337 47.31 -16.63 20.87
C ALA B 337 47.30 -16.07 19.45
N TYR B 338 46.10 -15.78 18.90
CA TYR B 338 45.96 -15.20 17.57
C TYR B 338 46.67 -13.84 17.52
N TRP B 339 46.48 -12.99 18.53
CA TRP B 339 47.11 -11.66 18.53
C TRP B 339 48.61 -11.71 18.77
N VAL B 340 49.12 -12.75 19.43
CA VAL B 340 50.55 -12.92 19.61
C VAL B 340 51.13 -13.31 18.23
N ASP B 341 50.47 -14.25 17.52
CA ASP B 341 50.87 -14.66 16.17
C ASP B 341 50.78 -13.49 15.21
N ASN B 342 49.77 -12.63 15.36
CA ASN B 342 49.58 -11.44 14.52
C ASN B 342 50.79 -10.52 14.60
N LEU B 343 51.31 -10.32 15.81
CA LEU B 343 52.48 -9.47 16.03
C LEU B 343 53.82 -10.13 15.62
N ARG B 344 53.94 -11.46 15.76
CA ARG B 344 55.18 -12.14 15.47
C ARG B 344 55.31 -12.72 14.03
N ASN B 345 54.27 -13.35 13.51
CA ASN B 345 54.26 -13.92 12.16
C ASN B 345 54.31 -12.82 11.10
N THR B 346 54.68 -13.20 9.89
CA THR B 346 54.70 -12.30 8.75
C THR B 346 53.29 -11.78 8.38
N VAL B 347 53.18 -10.52 7.95
CA VAL B 347 51.92 -9.94 7.49
C VAL B 347 51.72 -10.42 6.03
N GLN B 348 50.98 -11.53 5.82
CA GLN B 348 50.75 -12.08 4.48
C GLN B 348 49.55 -11.40 3.86
N PHE B 349 49.64 -10.07 3.69
CA PHE B 349 48.53 -9.29 3.16
C PHE B 349 48.26 -9.62 1.71
N ALA B 350 49.29 -9.77 0.85
CA ALA B 350 49.11 -10.09 -0.56
C ALA B 350 48.36 -11.39 -0.74
N ALA B 351 48.68 -12.42 0.08
CA ALA B 351 48.01 -13.69 -0.01
C ALA B 351 46.52 -13.59 0.40
N ALA B 352 46.21 -12.71 1.35
CA ALA B 352 44.85 -12.56 1.82
C ALA B 352 44.02 -11.86 0.75
N VAL B 353 44.56 -10.79 0.12
CA VAL B 353 43.89 -10.06 -0.95
C VAL B 353 43.74 -11.00 -2.18
N GLN B 354 44.78 -11.80 -2.48
CA GLN B 354 44.75 -12.72 -3.60
C GLN B 354 43.66 -13.79 -3.38
N ALA B 355 43.48 -14.27 -2.13
CA ALA B 355 42.43 -15.25 -1.84
C ALA B 355 41.06 -14.62 -2.05
N ALA B 356 40.84 -13.38 -1.60
CA ALA B 356 39.56 -12.70 -1.79
C ALA B 356 39.26 -12.49 -3.26
N MET B 357 40.27 -12.15 -4.05
CA MET B 357 40.10 -11.97 -5.49
C MET B 357 39.83 -13.28 -6.18
N GLU B 358 40.52 -14.36 -5.80
CA GLU B 358 40.27 -15.69 -6.36
C GLU B 358 38.81 -16.12 -6.03
N ASP B 359 38.32 -15.78 -4.83
CA ASP B 359 36.95 -16.09 -4.44
C ASP B 359 35.87 -15.23 -5.09
N GLY B 360 36.26 -14.26 -5.92
CA GLY B 360 35.32 -13.44 -6.66
C GLY B 360 35.15 -12.00 -6.30
N TYR B 361 35.81 -11.51 -5.26
CA TYR B 361 35.65 -10.11 -4.84
C TYR B 361 36.43 -9.16 -5.74
N ARG B 362 35.79 -8.05 -6.21
CA ARG B 362 36.45 -7.08 -7.11
C ARG B 362 36.45 -5.64 -6.57
N VAL B 363 35.62 -5.33 -5.59
CA VAL B 363 35.54 -4.00 -5.02
C VAL B 363 36.11 -4.01 -3.61
N PHE B 364 37.17 -3.21 -3.39
CA PHE B 364 37.93 -3.08 -2.15
C PHE B 364 37.89 -1.64 -1.75
N ALA B 365 37.60 -1.34 -0.50
CA ALA B 365 37.56 0.04 -0.02
C ALA B 365 38.36 0.06 1.25
N GLU B 366 39.34 0.95 1.31
CA GLU B 366 40.20 1.04 2.48
C GLU B 366 39.65 1.98 3.47
N LEU B 367 39.12 1.46 4.59
CA LEU B 367 38.62 2.32 5.66
C LEU B 367 39.78 2.70 6.61
N SER B 368 40.46 3.81 6.29
CA SER B 368 41.62 4.30 7.04
C SER B 368 41.77 5.82 6.85
N PRO B 369 42.48 6.53 7.74
CA PRO B 369 42.62 7.99 7.60
C PRO B 369 43.25 8.47 6.28
N HIS B 370 44.03 7.60 5.62
CA HIS B 370 44.70 7.87 4.34
C HIS B 370 45.07 6.53 3.70
N PRO B 371 44.96 6.37 2.35
CA PRO B 371 45.26 5.07 1.75
C PRO B 371 46.74 4.64 1.76
N LEU B 372 46.99 3.46 2.36
CA LEU B 372 48.34 2.87 2.44
C LEU B 372 48.46 1.63 1.52
N LEU B 373 47.34 0.92 1.34
CA LEU B 373 47.32 -0.33 0.61
C LEU B 373 46.46 -0.31 -0.64
N THR B 374 46.17 0.87 -1.20
CA THR B 374 45.41 0.96 -2.43
C THR B 374 46.25 0.42 -3.58
N HIS B 375 47.53 0.83 -3.64
CA HIS B 375 48.41 0.36 -4.69
C HIS B 375 48.71 -1.08 -4.57
N ALA B 376 48.85 -1.60 -3.35
CA ALA B 376 49.09 -3.03 -3.14
C ALA B 376 47.94 -3.88 -3.72
N VAL B 377 46.68 -3.46 -3.50
CA VAL B 377 45.48 -4.15 -3.98
C VAL B 377 45.47 -4.10 -5.52
N GLU B 378 45.80 -2.95 -6.13
CA GLU B 378 45.84 -2.80 -7.56
C GLU B 378 46.90 -3.72 -8.17
N GLN B 379 48.07 -3.78 -7.53
CA GLN B 379 49.18 -4.64 -7.99
C GLN B 379 48.80 -6.12 -7.93
N THR B 380 48.08 -6.58 -6.87
CA THR B 380 47.63 -7.97 -6.75
C THR B 380 46.59 -8.28 -7.86
N GLY B 381 45.67 -7.37 -8.12
CA GLY B 381 44.66 -7.53 -9.17
C GLY B 381 45.27 -7.66 -10.55
N ARG B 382 46.25 -6.79 -10.85
CA ARG B 382 47.03 -6.76 -12.09
C ARG B 382 47.79 -8.05 -12.25
N SER B 383 48.31 -8.63 -11.15
CA SER B 383 49.04 -9.90 -11.20
C SER B 383 48.14 -11.09 -11.52
N LEU B 384 46.87 -11.00 -11.14
CA LEU B 384 45.89 -12.03 -11.44
C LEU B 384 45.14 -11.79 -12.77
N ASP B 385 45.49 -10.71 -13.49
CA ASP B 385 44.89 -10.26 -14.75
C ASP B 385 43.40 -10.04 -14.58
N MET B 386 43.04 -9.36 -13.46
CA MET B 386 41.65 -9.03 -13.09
C MET B 386 41.45 -7.52 -12.99
N SER B 387 40.24 -7.06 -13.28
CA SER B 387 39.92 -5.64 -13.14
C SER B 387 39.22 -5.45 -11.78
N VAL B 388 39.91 -4.76 -10.87
CA VAL B 388 39.49 -4.51 -9.52
C VAL B 388 39.38 -3.00 -9.25
N ALA B 389 38.72 -2.64 -8.14
CA ALA B 389 38.57 -1.25 -7.73
C ALA B 389 39.13 -1.18 -6.34
N ALA B 390 40.14 -0.34 -6.13
CA ALA B 390 40.76 -0.17 -4.82
C ALA B 390 40.45 1.25 -4.39
N LEU B 391 39.44 1.44 -3.56
CA LEU B 391 38.97 2.76 -3.18
C LEU B 391 39.60 3.20 -1.88
N ALA B 392 39.68 4.51 -1.62
CA ALA B 392 40.13 5.03 -0.34
C ALA B 392 38.93 5.63 0.38
N GLY B 393 38.72 5.28 1.64
CA GLY B 393 37.61 5.81 2.41
C GLY B 393 37.83 7.28 2.75
N MET B 394 39.11 7.61 3.04
CA MET B 394 39.55 8.95 3.39
C MET B 394 40.92 9.22 2.84
N ARG B 395 41.21 10.48 2.64
CA ARG B 395 42.53 10.94 2.25
C ARG B 395 42.92 12.11 3.16
N ARG B 396 44.22 12.26 3.39
CA ARG B 396 44.79 13.30 4.21
C ARG B 396 44.39 14.68 3.69
N GLU B 397 43.78 15.48 4.56
CA GLU B 397 43.26 16.81 4.30
C GLU B 397 42.10 16.83 3.26
N GLN B 398 41.48 15.69 2.99
CA GLN B 398 40.35 15.56 2.06
C GLN B 398 39.18 16.21 2.74
N PRO B 399 38.56 17.29 2.16
CA PRO B 399 37.35 17.85 2.77
C PRO B 399 36.22 16.86 2.69
N LEU B 400 35.54 16.65 3.80
CA LEU B 400 34.39 15.73 3.86
C LEU B 400 33.15 16.47 4.39
N PRO B 401 32.67 17.49 3.66
CA PRO B 401 31.50 18.23 4.15
C PRO B 401 30.23 17.37 4.14
N HIS B 402 30.17 16.35 3.29
CA HIS B 402 29.02 15.47 3.24
C HIS B 402 29.30 14.08 3.81
N GLY B 403 30.24 14.01 4.75
CA GLY B 403 30.64 12.76 5.37
C GLY B 403 31.13 11.72 4.38
N LEU B 404 30.68 10.50 4.57
CA LEU B 404 31.07 9.39 3.71
C LEU B 404 30.10 9.15 2.57
N ARG B 405 29.24 10.13 2.22
CA ARG B 405 28.31 9.99 1.09
C ARG B 405 29.06 9.79 -0.23
N GLY B 406 30.27 10.35 -0.32
CA GLY B 406 31.15 10.23 -1.47
C GLY B 406 31.63 8.81 -1.67
N LEU B 407 31.99 8.13 -0.59
CA LEU B 407 32.43 6.72 -0.62
C LEU B 407 31.29 5.85 -1.02
N LEU B 408 30.06 6.15 -0.55
CA LEU B 408 28.88 5.38 -0.91
C LEU B 408 28.66 5.44 -2.44
N THR B 409 28.83 6.64 -3.01
CA THR B 409 28.69 6.85 -4.44
C THR B 409 29.73 6.06 -5.21
N GLU B 410 31.02 6.10 -4.77
CA GLU B 410 32.09 5.38 -5.43
C GLU B 410 31.93 3.89 -5.32
N LEU B 411 31.33 3.38 -4.23
CA LEU B 411 31.04 1.94 -4.07
C LEU B 411 29.98 1.54 -5.10
N HIS B 412 28.91 2.35 -5.26
CA HIS B 412 27.88 2.10 -6.26
C HIS B 412 28.49 2.12 -7.67
N ARG B 413 29.22 3.19 -7.99
CA ARG B 413 29.82 3.34 -9.30
C ARG B 413 30.71 2.17 -9.72
N ALA B 414 31.41 1.57 -8.73
CA ALA B 414 32.31 0.41 -8.88
C ALA B 414 31.57 -0.93 -9.02
N GLY B 415 30.29 -0.97 -8.65
CA GLY B 415 29.50 -2.20 -8.76
C GLY B 415 29.43 -3.06 -7.51
N ALA B 416 29.67 -2.48 -6.33
CA ALA B 416 29.57 -3.23 -5.07
C ALA B 416 28.10 -3.42 -4.77
N ALA B 417 27.75 -4.58 -4.21
CA ALA B 417 26.36 -4.85 -3.83
C ALA B 417 26.03 -3.98 -2.61
N LEU B 418 24.91 -3.26 -2.72
CA LEU B 418 24.42 -2.41 -1.64
C LEU B 418 22.96 -2.83 -1.31
N ASP B 419 22.52 -2.38 -0.12
CA ASP B 419 21.16 -2.56 0.32
C ASP B 419 20.47 -1.27 -0.05
N TYR B 420 19.89 -1.25 -1.26
CA TYR B 420 19.26 -0.04 -1.75
C TYR B 420 18.05 0.32 -0.92
N SER B 421 17.45 -0.68 -0.26
CA SER B 421 16.32 -0.49 0.63
C SER B 421 16.65 0.44 1.80
N ALA B 422 17.95 0.50 2.20
CA ALA B 422 18.40 1.34 3.29
C ALA B 422 18.44 2.79 2.89
N LEU B 423 18.89 3.06 1.68
CA LEU B 423 19.02 4.43 1.20
C LEU B 423 17.74 4.93 0.53
N TYR B 424 17.00 3.99 -0.14
CA TYR B 424 15.80 4.22 -0.93
C TYR B 424 14.68 3.37 -0.39
N PRO B 425 14.09 3.79 0.75
CA PRO B 425 13.01 2.99 1.32
C PRO B 425 11.68 3.13 0.58
N ALA B 426 10.90 2.04 0.57
CA ALA B 426 9.59 2.02 -0.06
C ALA B 426 8.50 2.66 0.78
N GLY B 427 7.49 3.21 0.13
CA GLY B 427 6.34 3.77 0.84
C GLY B 427 5.20 4.12 -0.11
N ARG B 428 4.03 3.51 0.06
CA ARG B 428 2.90 3.85 -0.79
C ARG B 428 1.56 3.45 -0.22
N LEU B 429 0.46 4.10 -0.67
CA LEU B 429 -0.85 3.74 -0.15
C LEU B 429 -1.22 2.32 -0.56
N VAL B 430 -1.68 1.52 0.40
CA VAL B 430 -2.09 0.15 0.15
C VAL B 430 -3.54 -0.05 0.60
N ASP B 431 -4.16 -1.14 0.17
CA ASP B 431 -5.57 -1.30 0.42
C ASP B 431 -5.93 -1.81 1.81
N ALA B 432 -5.38 -1.22 2.87
CA ALA B 432 -5.70 -1.63 4.23
C ALA B 432 -7.15 -1.34 4.67
N PRO B 433 -7.67 -1.99 5.73
CA PRO B 433 -9.08 -1.74 6.13
C PRO B 433 -9.38 -0.32 6.58
N LEU B 434 -10.60 0.10 6.45
CA LEU B 434 -10.99 1.45 6.81
C LEU B 434 -11.89 1.52 8.02
N PRO B 435 -11.77 2.63 8.78
CA PRO B 435 -12.63 2.83 9.95
C PRO B 435 -14.12 2.71 9.74
N ALA B 436 -14.78 2.53 10.87
CA ALA B 436 -16.19 2.44 11.09
C ALA B 436 -16.89 3.88 11.15
N TRP B 437 -18.24 3.99 11.59
CA TRP B 437 -18.99 5.24 11.66
C TRP B 437 -18.23 6.41 12.35
#